data_8FHT
#
_entry.id   8FHT
#
_cell.length_a   1.00
_cell.length_b   1.00
_cell.length_c   1.00
_cell.angle_alpha   90.00
_cell.angle_beta   90.00
_cell.angle_gamma   90.00
#
_symmetry.space_group_name_H-M   'P 1'
#
loop_
_entity.id
_entity.type
_entity.pdbx_description
1 polymer 'Solute carrier family 12 member 3'
2 non-polymer 'SODIUM ION'
3 non-polymer 'CHLORIDE ION'
#
_entity_poly.entity_id   1
_entity_poly.type   'polypeptide(L)'
_entity_poly.pdbx_seq_one_letter_code
;MAELPTTETPGDATLCSGRFTISTLLSSDEPSPPAAYDSSHPSHLTHSSTFCMRDFGYNDIDVVPTYEHYANDTQPGEPR
KVRPTLADLHSFLKQEGRHLHALAFDSRPSHEMTDGLVEGEAGTSSEKNPEEPVRFGWVNGVMIRCMLNIWGVILYLRLP
WITAQAGIVLTWIIILLSVTVTSITGLSISAISTNGKVKSGGTYFLISRSLGPELGGSIGLIFAFANAVGVAMHTVGFAE
TVRDLLQEYGAPIVDPINDIRIIGVVSVTVLLAISLAGMEWESKAQVLFFLVIMVSFANYLVGTLIPPSEDKASKGFFSY
RADIFVQNLVPDWRGPDGTFFGMFSIFFPSATGILAGANISGDLKDPAIAIPKGTLMAIFWTTISYLAISATIGSCVVRD
ASGVLNDTVTPGWGACEGLACSYGWNFTECTQQHSCHYGLINYYQTMSMVSGFAPLITAGIFGATLSSALACLVSAAKVF
QCLCEDQLYPLIGFFGKGYGKNKEPVRGYLLAYAIAVAFIIIAELNTIAPIISNFFLCSYALINFSCFHASITNSPGWRP
SFQYYNKWAALFGAIISVVIMFLLTWWAALIAIGVVLFLLLYVIYKKPEVNWGSSVQAGSYNLALSYSVGLNEVEDHIKN
YRPQCLVLTGPPNFRPALVDFVGTFTRNLSLMICGHVLIGPHKQRMPELQLIANGHTKWLNKRKIKAFYSDVIAEDLRRG
VQILMQAAGLGRMKPNILVVGFKKNWQSAHPATVEDYIGILHDAFDFNYGVCVMRMREGLNVSKMMQAHINPVFDPAEDG
KEASARVDPKALVKEEQATTIFQSEQGKKTIDIYWLFDDGGLTLLIPYLLGRKRRWSKCKIRVFVGGQINRMDQERKAII
SLLSKFRLGFHEVHILPDINQNPRAEHTKRFEDMIAPFRLNDGFKDEATVNEMRRDCPWKISDEEITKNRVKSLRQVRLN
EIVLDYSRDAALIVITLPIGRKGKCPSSLYMAWLETLSQDLRPPVILIRGNQENVLTFYCQ
;
_entity_poly.pdbx_strand_id   A,B
#
# COMPACT_ATOMS: atom_id res chain seq x y z
N VAL A 139 22.13 -35.05 1.26
CA VAL A 139 22.00 -35.15 -0.20
C VAL A 139 20.74 -35.91 -0.56
N ASN A 140 20.64 -37.15 -0.12
CA ASN A 140 19.46 -37.98 -0.41
C ASN A 140 18.23 -37.53 0.36
N GLY A 141 18.37 -36.65 1.34
CA GLY A 141 17.22 -36.21 2.11
C GLY A 141 17.13 -34.71 2.27
N VAL A 142 18.09 -33.97 1.71
CA VAL A 142 18.10 -32.52 1.82
C VAL A 142 18.10 -31.90 0.43
N MET A 143 19.11 -32.23 -0.37
CA MET A 143 19.25 -31.61 -1.69
C MET A 143 18.15 -32.06 -2.64
N ILE A 144 17.93 -33.37 -2.74
CA ILE A 144 16.98 -33.88 -3.74
C ILE A 144 15.56 -33.45 -3.41
N ARG A 145 15.19 -33.47 -2.13
CA ARG A 145 13.84 -33.06 -1.73
C ARG A 145 13.62 -31.58 -2.04
N CYS A 146 14.61 -30.74 -1.76
CA CYS A 146 14.49 -29.32 -2.08
C CYS A 146 14.37 -29.10 -3.58
N MET A 147 15.18 -29.81 -4.37
CA MET A 147 15.11 -29.66 -5.82
C MET A 147 13.77 -30.12 -6.37
N LEU A 148 13.19 -31.17 -5.79
CA LEU A 148 11.90 -31.67 -6.25
C LEU A 148 10.76 -30.75 -5.83
N ASN A 149 10.85 -30.15 -4.65
CA ASN A 149 9.79 -29.26 -4.19
C ASN A 149 9.84 -27.93 -4.94
N ILE A 150 11.05 -27.43 -5.23
CA ILE A 150 11.17 -26.16 -5.94
C ILE A 150 10.66 -26.29 -7.37
N TRP A 151 11.07 -27.35 -8.06
CA TRP A 151 10.64 -27.57 -9.44
C TRP A 151 9.17 -27.95 -9.47
N GLY A 152 8.33 -27.11 -10.05
CA GLY A 152 6.91 -27.33 -10.02
C GLY A 152 6.17 -26.99 -11.30
N VAL A 153 4.95 -26.47 -11.14
CA VAL A 153 4.09 -26.19 -12.29
C VAL A 153 4.58 -24.98 -13.08
N ILE A 154 5.15 -23.98 -12.41
CA ILE A 154 5.50 -22.73 -13.08
C ILE A 154 6.61 -22.96 -14.09
N LEU A 155 7.54 -23.86 -13.79
CA LEU A 155 8.68 -24.10 -14.67
C LEU A 155 8.23 -24.59 -16.05
N TYR A 156 7.17 -25.39 -16.11
CA TYR A 156 6.77 -26.07 -17.33
C TYR A 156 5.71 -25.32 -18.13
N LEU A 157 4.88 -24.51 -17.48
CA LEU A 157 3.73 -23.90 -18.12
C LEU A 157 3.81 -22.40 -18.28
N ARG A 158 4.42 -21.69 -17.32
CA ARG A 158 4.40 -20.23 -17.33
C ARG A 158 5.75 -19.58 -17.59
N LEU A 159 6.86 -20.27 -17.39
CA LEU A 159 8.16 -19.64 -17.59
C LEU A 159 8.39 -19.19 -19.03
N PRO A 160 8.12 -20.00 -20.07
CA PRO A 160 8.24 -19.46 -21.43
C PRO A 160 7.33 -18.26 -21.68
N TRP A 161 6.11 -18.28 -21.13
CA TRP A 161 5.20 -17.16 -21.27
C TRP A 161 5.73 -15.91 -20.57
N ILE A 162 6.28 -16.07 -19.37
CA ILE A 162 6.86 -14.94 -18.65
C ILE A 162 8.03 -14.37 -19.43
N THR A 163 8.88 -15.24 -19.98
CA THR A 163 10.02 -14.80 -20.79
C THR A 163 9.54 -14.01 -22.00
N ALA A 164 8.53 -14.53 -22.71
CA ALA A 164 8.03 -13.83 -23.89
C ALA A 164 7.45 -12.47 -23.52
N GLN A 165 6.69 -12.41 -22.43
CA GLN A 165 6.08 -11.14 -22.02
C GLN A 165 7.14 -10.11 -21.61
N ALA A 166 8.13 -10.52 -20.82
CA ALA A 166 8.99 -9.57 -20.14
C ALA A 166 10.40 -9.46 -20.73
N GLY A 167 10.70 -10.16 -21.82
CA GLY A 167 12.03 -10.07 -22.37
C GLY A 167 13.05 -10.82 -21.55
N ILE A 168 14.13 -11.29 -22.19
CA ILE A 168 15.11 -12.13 -21.51
C ILE A 168 15.81 -11.38 -20.39
N VAL A 169 16.14 -10.10 -20.63
CA VAL A 169 16.90 -9.34 -19.64
C VAL A 169 16.09 -9.13 -18.38
N LEU A 170 14.83 -8.69 -18.53
CA LEU A 170 14.00 -8.49 -17.36
C LEU A 170 13.61 -9.81 -16.70
N THR A 171 13.49 -10.89 -17.47
CA THR A 171 13.28 -12.19 -16.85
C THR A 171 14.48 -12.59 -16.00
N TRP A 172 15.68 -12.33 -16.49
CA TRP A 172 16.88 -12.61 -15.71
C TRP A 172 16.92 -11.75 -14.45
N ILE A 173 16.51 -10.49 -14.56
CA ILE A 173 16.48 -9.61 -13.38
C ILE A 173 15.46 -10.13 -12.36
N ILE A 174 14.28 -10.56 -12.83
CA ILE A 174 13.27 -11.11 -11.93
C ILE A 174 13.82 -12.33 -11.22
N ILE A 175 14.44 -13.24 -11.98
CA ILE A 175 14.99 -14.46 -11.39
C ILE A 175 16.05 -14.12 -10.36
N LEU A 176 16.95 -13.18 -10.69
CA LEU A 176 18.04 -12.85 -9.78
C LEU A 176 17.51 -12.19 -8.51
N LEU A 177 16.53 -11.30 -8.61
CA LEU A 177 15.96 -10.67 -7.43
C LEU A 177 15.29 -11.70 -6.53
N SER A 178 14.48 -12.58 -7.12
CA SER A 178 13.84 -13.63 -6.34
C SER A 178 14.86 -14.54 -5.69
N VAL A 179 15.95 -14.84 -6.40
CA VAL A 179 16.98 -15.73 -5.86
C VAL A 179 17.75 -15.04 -4.74
N THR A 180 17.96 -13.72 -4.83
CA THR A 180 18.58 -13.02 -3.71
C THR A 180 17.71 -13.07 -2.46
N VAL A 181 16.39 -12.87 -2.64
CA VAL A 181 15.48 -12.97 -1.50
C VAL A 181 15.55 -14.37 -0.89
N THR A 182 15.44 -15.40 -1.73
CA THR A 182 15.44 -16.77 -1.23
C THR A 182 16.82 -17.17 -0.70
N SER A 183 17.89 -16.54 -1.17
CA SER A 183 19.22 -16.85 -0.67
C SER A 183 19.45 -16.27 0.71
N ILE A 184 18.98 -15.03 0.94
CA ILE A 184 19.02 -14.48 2.29
C ILE A 184 18.17 -15.32 3.24
N THR A 185 16.98 -15.73 2.78
CA THR A 185 16.15 -16.59 3.60
C THR A 185 16.82 -17.93 3.87
N GLY A 186 17.52 -18.47 2.87
CA GLY A 186 18.23 -19.73 3.06
C GLY A 186 19.38 -19.62 4.03
N LEU A 187 20.09 -18.50 4.01
CA LEU A 187 21.14 -18.27 5.00
C LEU A 187 20.57 -18.18 6.40
N SER A 188 19.43 -17.49 6.55
CA SER A 188 18.76 -17.45 7.85
C SER A 188 18.33 -18.84 8.29
N ILE A 189 17.77 -19.64 7.37
CA ILE A 189 17.32 -20.99 7.69
C ILE A 189 18.51 -21.86 8.10
N SER A 190 19.64 -21.71 7.39
CA SER A 190 20.83 -22.47 7.74
C SER A 190 21.34 -22.08 9.13
N ALA A 191 21.30 -20.80 9.45
CA ALA A 191 21.70 -20.36 10.79
C ALA A 191 20.77 -20.94 11.86
N ILE A 192 19.47 -20.96 11.58
CA ILE A 192 18.52 -21.54 12.53
C ILE A 192 18.78 -23.02 12.72
N SER A 193 18.99 -23.75 11.63
CA SER A 193 19.21 -25.19 11.70
C SER A 193 20.50 -25.52 12.44
N THR A 194 21.57 -24.75 12.18
CA THR A 194 22.84 -24.96 12.85
C THR A 194 22.77 -24.64 14.34
N ASN A 195 21.85 -23.77 14.75
CA ASN A 195 21.75 -23.35 16.14
C ASN A 195 21.45 -24.53 17.06
N GLY A 196 22.20 -24.60 18.16
CA GLY A 196 21.89 -25.55 19.22
C GLY A 196 21.92 -26.99 18.78
N LYS A 197 21.05 -27.78 19.37
CA LYS A 197 20.92 -29.21 19.07
C LYS A 197 19.58 -29.46 18.41
N VAL A 198 19.59 -30.22 17.31
CA VAL A 198 18.40 -30.45 16.51
C VAL A 198 17.71 -31.71 17.05
N LYS A 199 16.43 -31.57 17.37
CA LYS A 199 15.60 -32.68 17.85
C LYS A 199 14.61 -33.09 16.76
N SER A 200 13.98 -34.24 16.98
CA SER A 200 13.01 -34.79 16.04
C SER A 200 11.64 -34.14 16.26
N GLY A 201 11.55 -32.88 15.84
CA GLY A 201 10.32 -32.12 16.01
C GLY A 201 9.78 -31.52 14.73
N GLY A 202 10.63 -31.38 13.73
CA GLY A 202 10.21 -30.80 12.47
C GLY A 202 10.50 -29.31 12.36
N THR A 203 10.00 -28.73 11.26
CA THR A 203 10.29 -27.34 10.95
C THR A 203 9.67 -26.39 11.98
N TYR A 204 8.40 -26.59 12.30
CA TYR A 204 7.74 -25.71 13.26
C TYR A 204 8.39 -25.81 14.63
N PHE A 205 8.70 -27.03 15.07
CA PHE A 205 9.35 -27.19 16.37
C PHE A 205 10.72 -26.53 16.38
N LEU A 206 11.48 -26.68 15.30
CA LEU A 206 12.80 -26.05 15.21
C LEU A 206 12.68 -24.54 15.30
N ILE A 207 11.78 -23.95 14.53
CA ILE A 207 11.62 -22.50 14.52
C ILE A 207 11.15 -22.01 15.89
N SER A 208 10.21 -22.72 16.50
CA SER A 208 9.69 -22.30 17.79
C SER A 208 10.77 -22.36 18.88
N ARG A 209 11.58 -23.43 18.88
CA ARG A 209 12.61 -23.52 19.91
C ARG A 209 13.79 -22.61 19.63
N SER A 210 13.93 -22.15 18.39
CA SER A 210 15.03 -21.23 18.08
C SER A 210 14.67 -19.77 18.28
N LEU A 211 13.43 -19.37 18.01
CA LEU A 211 13.05 -17.96 18.02
C LEU A 211 11.93 -17.64 19.00
N GLY A 212 11.49 -18.58 19.82
CA GLY A 212 10.44 -18.32 20.77
C GLY A 212 9.06 -18.51 20.19
N PRO A 213 8.09 -18.90 21.03
CA PRO A 213 6.75 -19.19 20.52
C PRO A 213 5.98 -17.97 20.04
N GLU A 214 6.31 -16.77 20.52
CA GLU A 214 5.50 -15.59 20.22
C GLU A 214 5.46 -15.32 18.72
N LEU A 215 6.60 -15.41 18.05
CA LEU A 215 6.63 -15.31 16.60
C LEU A 215 6.51 -16.68 15.92
N GLY A 216 6.85 -17.75 16.63
CA GLY A 216 6.76 -19.08 16.05
C GLY A 216 5.34 -19.45 15.67
N GLY A 217 4.37 -19.12 16.52
CA GLY A 217 2.98 -19.46 16.20
C GLY A 217 2.50 -18.75 14.95
N SER A 218 2.76 -17.45 14.86
CA SER A 218 2.31 -16.69 13.69
C SER A 218 3.02 -17.17 12.42
N ILE A 219 4.33 -17.41 12.50
CA ILE A 219 5.04 -17.85 11.30
C ILE A 219 4.56 -19.24 10.88
N GLY A 220 4.27 -20.12 11.84
CA GLY A 220 3.74 -21.43 11.49
C GLY A 220 2.38 -21.35 10.84
N LEU A 221 1.49 -20.50 11.36
CA LEU A 221 0.16 -20.38 10.78
C LEU A 221 0.22 -19.84 9.36
N ILE A 222 1.04 -18.81 9.14
CA ILE A 222 1.17 -18.26 7.79
C ILE A 222 1.79 -19.28 6.84
N PHE A 223 2.80 -20.02 7.31
CA PHE A 223 3.43 -21.04 6.47
C PHE A 223 2.44 -22.12 6.10
N ALA A 224 1.60 -22.56 7.05
CA ALA A 224 0.61 -23.58 6.75
C ALA A 224 -0.42 -23.10 5.73
N PHE A 225 -0.89 -21.85 5.89
CA PHE A 225 -1.83 -21.32 4.91
C PHE A 225 -1.21 -21.23 3.52
N ALA A 226 0.05 -20.79 3.46
CA ALA A 226 0.75 -20.71 2.18
C ALA A 226 0.90 -22.09 1.55
N ASN A 227 1.22 -23.10 2.36
CA ASN A 227 1.36 -24.45 1.82
C ASN A 227 0.03 -24.99 1.32
N ALA A 228 -1.07 -24.68 2.00
CA ALA A 228 -2.38 -25.13 1.53
C ALA A 228 -2.74 -24.50 0.20
N VAL A 229 -2.56 -23.18 0.08
CA VAL A 229 -2.89 -22.55 -1.21
C VAL A 229 -1.90 -23.01 -2.30
N GLY A 230 -0.67 -23.38 -1.91
CA GLY A 230 0.24 -23.96 -2.88
C GLY A 230 -0.20 -25.33 -3.36
N VAL A 231 -0.78 -26.13 -2.46
CA VAL A 231 -1.41 -27.38 -2.87
C VAL A 231 -2.49 -27.10 -3.90
N ALA A 232 -3.31 -26.07 -3.64
CA ALA A 232 -4.35 -25.70 -4.60
C ALA A 232 -3.74 -25.35 -5.96
N MET A 233 -2.65 -24.59 -5.96
CA MET A 233 -2.03 -24.16 -7.22
C MET A 233 -1.45 -25.33 -8.00
N HIS A 234 -0.71 -26.21 -7.32
CA HIS A 234 -0.14 -27.37 -8.00
C HIS A 234 -1.24 -28.28 -8.52
N THR A 235 -2.31 -28.47 -7.74
CA THR A 235 -3.40 -29.33 -8.19
C THR A 235 -4.11 -28.73 -9.40
N VAL A 236 -4.30 -27.41 -9.42
CA VAL A 236 -4.97 -26.82 -10.57
C VAL A 236 -4.07 -26.85 -11.79
N GLY A 237 -2.75 -26.78 -11.61
CA GLY A 237 -1.85 -26.96 -12.75
C GLY A 237 -1.91 -28.37 -13.31
N PHE A 238 -1.92 -29.37 -12.43
CA PHE A 238 -2.11 -30.75 -12.87
C PHE A 238 -3.44 -30.92 -13.59
N ALA A 239 -4.50 -30.29 -13.06
CA ALA A 239 -5.81 -30.37 -13.69
C ALA A 239 -5.80 -29.73 -15.07
N GLU A 240 -5.11 -28.59 -15.23
CA GLU A 240 -5.01 -27.98 -16.54
C GLU A 240 -4.27 -28.88 -17.52
N THR A 241 -3.19 -29.52 -17.06
CA THR A 241 -2.47 -30.45 -17.93
C THR A 241 -3.37 -31.60 -18.37
N VAL A 242 -4.13 -32.18 -17.44
CA VAL A 242 -5.02 -33.29 -17.78
C VAL A 242 -6.14 -32.82 -18.70
N ARG A 243 -6.65 -31.61 -18.48
CA ARG A 243 -7.68 -31.06 -19.37
C ARG A 243 -7.16 -30.90 -20.79
N ASP A 244 -5.94 -30.37 -20.93
CA ASP A 244 -5.37 -30.23 -22.27
C ASP A 244 -5.14 -31.58 -22.92
N LEU A 245 -4.71 -32.57 -22.13
CA LEU A 245 -4.54 -33.92 -22.66
C LEU A 245 -5.87 -34.51 -23.14
N LEU A 246 -6.94 -34.32 -22.35
CA LEU A 246 -8.25 -34.80 -22.75
C LEU A 246 -8.73 -34.09 -24.01
N GLN A 247 -8.52 -32.78 -24.11
CA GLN A 247 -8.90 -32.04 -25.30
C GLN A 247 -8.11 -32.55 -26.51
N GLU A 248 -6.84 -32.92 -26.31
CA GLU A 248 -6.08 -33.54 -27.39
C GLU A 248 -6.70 -34.87 -27.80
N TYR A 249 -7.18 -35.66 -26.84
CA TYR A 249 -7.97 -36.84 -27.20
C TYR A 249 -9.26 -36.47 -27.91
N GLY A 250 -9.76 -35.26 -27.71
CA GLY A 250 -11.01 -34.86 -28.33
C GLY A 250 -12.25 -35.30 -27.60
N ALA A 251 -12.19 -35.41 -26.27
CA ALA A 251 -13.33 -35.81 -25.45
C ALA A 251 -13.52 -34.83 -24.30
N PRO A 252 -14.00 -33.62 -24.59
CA PRO A 252 -14.33 -32.69 -23.51
C PRO A 252 -15.56 -33.16 -22.75
N ILE A 253 -15.65 -32.77 -21.48
CA ILE A 253 -16.75 -33.24 -20.64
C ILE A 253 -17.90 -32.24 -20.68
N VAL A 254 -17.68 -31.04 -20.13
CA VAL A 254 -18.70 -30.00 -20.15
C VAL A 254 -18.15 -28.69 -20.72
N ASP A 255 -17.06 -28.19 -20.14
CA ASP A 255 -16.40 -26.97 -20.58
C ASP A 255 -15.08 -26.84 -19.81
N PRO A 256 -14.10 -26.14 -20.38
CA PRO A 256 -12.74 -26.20 -19.81
C PRO A 256 -12.64 -25.84 -18.33
N ILE A 257 -13.34 -24.80 -17.87
CA ILE A 257 -13.16 -24.34 -16.50
C ILE A 257 -13.76 -25.35 -15.51
N ASN A 258 -14.97 -25.80 -15.76
CA ASN A 258 -15.55 -26.82 -14.88
C ASN A 258 -14.85 -28.15 -15.02
N ASP A 259 -14.34 -28.46 -16.22
CA ASP A 259 -13.52 -29.66 -16.37
C ASP A 259 -12.32 -29.59 -15.45
N ILE A 260 -11.66 -28.42 -15.41
CA ILE A 260 -10.59 -28.19 -14.45
C ILE A 260 -11.08 -28.40 -13.03
N ARG A 261 -12.29 -27.93 -12.73
CA ARG A 261 -12.81 -28.03 -11.36
C ARG A 261 -12.96 -29.49 -10.92
N ILE A 262 -13.66 -30.30 -11.71
CA ILE A 262 -13.83 -31.71 -11.36
C ILE A 262 -12.48 -32.43 -11.34
N ILE A 263 -11.63 -32.19 -12.33
CA ILE A 263 -10.33 -32.88 -12.33
C ILE A 263 -9.55 -32.52 -11.08
N GLY A 264 -9.56 -31.25 -10.68
CA GLY A 264 -8.82 -30.83 -9.50
C GLY A 264 -9.36 -31.44 -8.23
N VAL A 265 -10.69 -31.46 -8.07
CA VAL A 265 -11.25 -32.00 -6.83
C VAL A 265 -11.01 -33.51 -6.74
N VAL A 266 -11.17 -34.23 -7.86
CA VAL A 266 -10.89 -35.66 -7.85
C VAL A 266 -9.41 -35.91 -7.55
N SER A 267 -8.52 -35.13 -8.17
CA SER A 267 -7.09 -35.30 -7.94
C SER A 267 -6.72 -35.04 -6.50
N VAL A 268 -7.27 -33.98 -5.89
CA VAL A 268 -6.91 -33.68 -4.51
C VAL A 268 -7.49 -34.72 -3.56
N THR A 269 -8.66 -35.28 -3.87
CA THR A 269 -9.19 -36.37 -3.05
C THR A 269 -8.30 -37.61 -3.15
N VAL A 270 -7.84 -37.94 -4.36
CA VAL A 270 -6.94 -39.09 -4.52
C VAL A 270 -5.63 -38.84 -3.81
N LEU A 271 -5.13 -37.60 -3.85
CA LEU A 271 -3.90 -37.26 -3.13
C LEU A 271 -4.08 -37.41 -1.64
N LEU A 272 -5.24 -36.99 -1.11
CA LEU A 272 -5.52 -37.18 0.31
C LEU A 272 -5.55 -38.66 0.67
N ALA A 273 -6.18 -39.47 -0.17
CA ALA A 273 -6.24 -40.91 0.10
C ALA A 273 -4.84 -41.52 0.09
N ILE A 274 -4.01 -41.14 -0.88
CA ILE A 274 -2.64 -41.66 -0.96
C ILE A 274 -1.84 -41.23 0.26
N SER A 275 -1.98 -39.96 0.66
CA SER A 275 -1.24 -39.47 1.82
C SER A 275 -1.67 -40.20 3.09
N LEU A 276 -2.96 -40.49 3.22
CA LEU A 276 -3.43 -41.23 4.39
C LEU A 276 -3.05 -42.70 4.33
N ALA A 277 -2.79 -43.24 3.14
CA ALA A 277 -2.40 -44.64 3.03
C ALA A 277 -1.08 -44.91 3.72
N GLY A 278 0.00 -44.29 3.22
CA GLY A 278 1.31 -44.54 3.77
C GLY A 278 2.37 -43.70 3.08
N MET A 279 3.59 -43.84 3.55
CA MET A 279 4.72 -43.06 3.05
C MET A 279 5.74 -43.87 2.26
N GLU A 280 5.68 -45.20 2.32
CA GLU A 280 6.63 -46.02 1.59
C GLU A 280 6.49 -45.81 0.08
N TRP A 281 5.25 -45.65 -0.40
CA TRP A 281 5.03 -45.47 -1.83
C TRP A 281 5.67 -44.18 -2.32
N GLU A 282 5.50 -43.07 -1.59
CA GLU A 282 6.11 -41.82 -2.00
C GLU A 282 7.62 -41.84 -1.84
N SER A 283 8.12 -42.53 -0.80
CA SER A 283 9.57 -42.68 -0.65
C SER A 283 10.16 -43.43 -1.82
N LYS A 284 9.44 -44.43 -2.35
CA LYS A 284 9.91 -45.15 -3.53
C LYS A 284 9.73 -44.33 -4.81
N ALA A 285 8.68 -43.52 -4.89
CA ALA A 285 8.37 -42.76 -6.09
C ALA A 285 9.14 -41.46 -6.21
N GLN A 286 9.86 -41.05 -5.17
CA GLN A 286 10.70 -39.86 -5.27
C GLN A 286 11.74 -40.01 -6.37
N VAL A 287 12.41 -41.17 -6.42
CA VAL A 287 13.42 -41.41 -7.45
C VAL A 287 12.78 -41.50 -8.82
N LEU A 288 11.56 -42.05 -8.90
CA LEU A 288 10.85 -42.09 -10.18
C LEU A 288 10.57 -40.68 -10.68
N PHE A 289 10.10 -39.80 -9.79
CA PHE A 289 9.83 -38.42 -10.18
C PHE A 289 11.11 -37.72 -10.64
N PHE A 290 12.21 -37.94 -9.91
CA PHE A 290 13.49 -37.34 -10.29
C PHE A 290 13.94 -37.82 -11.66
N LEU A 291 13.87 -39.13 -11.90
CA LEU A 291 14.29 -39.67 -13.18
C LEU A 291 13.41 -39.12 -14.31
N VAL A 292 12.10 -39.03 -14.08
CA VAL A 292 11.20 -38.55 -15.11
C VAL A 292 11.48 -37.09 -15.45
N ILE A 293 11.73 -36.25 -14.43
CA ILE A 293 11.97 -34.84 -14.70
C ILE A 293 13.32 -34.64 -15.40
N MET A 294 14.33 -35.45 -15.04
CA MET A 294 15.60 -35.37 -15.76
C MET A 294 15.46 -35.80 -17.21
N VAL A 295 14.69 -36.86 -17.46
CA VAL A 295 14.44 -37.29 -18.84
C VAL A 295 13.71 -36.19 -19.59
N SER A 296 12.79 -35.48 -18.92
CA SER A 296 12.10 -34.36 -19.55
C SER A 296 13.08 -33.25 -19.95
N PHE A 297 14.01 -32.92 -19.05
CA PHE A 297 15.00 -31.89 -19.37
C PHE A 297 15.86 -32.30 -20.56
N ALA A 298 16.33 -33.55 -20.56
CA ALA A 298 17.14 -34.03 -21.67
C ALA A 298 16.37 -34.01 -22.98
N ASN A 299 15.10 -34.41 -22.94
CA ASN A 299 14.27 -34.39 -24.14
C ASN A 299 14.09 -32.97 -24.65
N TYR A 300 13.87 -32.01 -23.75
CA TYR A 300 13.73 -30.62 -24.15
C TYR A 300 14.99 -30.12 -24.85
N LEU A 301 16.16 -30.40 -24.25
CA LEU A 301 17.41 -29.94 -24.85
C LEU A 301 17.64 -30.58 -26.21
N VAL A 302 17.38 -31.88 -26.33
CA VAL A 302 17.57 -32.57 -27.60
C VAL A 302 16.63 -32.00 -28.65
N GLY A 303 15.37 -31.76 -28.28
CA GLY A 303 14.43 -31.17 -29.22
C GLY A 303 14.83 -29.79 -29.68
N THR A 304 15.42 -28.99 -28.78
CA THR A 304 15.94 -27.70 -29.18
C THR A 304 17.09 -27.86 -30.18
N LEU A 305 17.97 -28.83 -29.95
CA LEU A 305 19.11 -29.00 -30.84
C LEU A 305 18.69 -29.52 -32.22
N ILE A 306 17.62 -30.28 -32.31
CA ILE A 306 17.18 -30.82 -33.60
C ILE A 306 16.73 -29.67 -34.49
N PRO A 307 17.07 -29.68 -35.78
CA PRO A 307 16.57 -28.65 -36.69
C PRO A 307 15.05 -28.71 -36.75
N PRO A 308 14.40 -27.56 -36.94
CA PRO A 308 12.94 -27.52 -36.87
C PRO A 308 12.27 -28.32 -37.98
N SER A 309 11.12 -28.88 -37.66
CA SER A 309 10.29 -29.59 -38.61
C SER A 309 9.21 -28.66 -39.16
N GLU A 310 8.54 -29.11 -40.21
CA GLU A 310 7.54 -28.28 -40.88
C GLU A 310 6.38 -27.97 -39.95
N ASP A 311 5.87 -28.98 -39.23
CA ASP A 311 4.77 -28.75 -38.29
C ASP A 311 5.21 -27.85 -37.14
N LYS A 312 6.42 -28.07 -36.62
CA LYS A 312 6.92 -27.22 -35.54
C LYS A 312 7.22 -25.81 -36.03
N ALA A 313 7.71 -25.69 -37.27
CA ALA A 313 7.95 -24.36 -37.84
C ALA A 313 6.64 -23.61 -37.99
N SER A 314 5.58 -24.29 -38.42
CA SER A 314 4.28 -23.63 -38.56
C SER A 314 3.76 -23.11 -37.23
N LYS A 315 4.22 -23.69 -36.11
CA LYS A 315 3.79 -23.28 -34.79
C LYS A 315 4.74 -22.28 -34.14
N GLY A 316 5.72 -21.77 -34.86
CA GLY A 316 6.61 -20.73 -34.35
C GLY A 316 7.92 -21.21 -33.77
N PHE A 317 8.37 -22.40 -34.12
CA PHE A 317 9.62 -22.95 -33.61
C PHE A 317 10.65 -22.99 -34.73
N PHE A 318 11.80 -22.40 -34.49
CA PHE A 318 12.93 -22.44 -35.41
C PHE A 318 14.18 -22.77 -34.62
N SER A 319 15.24 -23.13 -35.34
CA SER A 319 16.51 -23.42 -34.66
C SER A 319 17.04 -22.16 -33.99
N TYR A 320 18.17 -22.32 -33.29
CA TYR A 320 18.80 -21.17 -32.64
C TYR A 320 19.09 -20.08 -33.65
N ARG A 321 18.72 -18.85 -33.31
CA ARG A 321 18.84 -17.73 -34.23
C ARG A 321 19.30 -16.50 -33.46
N ALA A 322 20.16 -15.70 -34.09
CA ALA A 322 20.63 -14.48 -33.46
C ALA A 322 19.57 -13.38 -33.48
N ASP A 323 18.85 -13.25 -34.59
CA ASP A 323 17.82 -12.22 -34.69
C ASP A 323 16.66 -12.49 -33.73
N ILE A 324 16.30 -13.76 -33.54
CA ILE A 324 15.25 -14.10 -32.60
C ILE A 324 15.67 -13.71 -31.18
N PHE A 325 16.93 -14.01 -30.83
CA PHE A 325 17.46 -13.61 -29.53
C PHE A 325 17.43 -12.10 -29.36
N VAL A 326 17.82 -11.36 -30.41
CA VAL A 326 17.83 -9.91 -30.35
C VAL A 326 16.42 -9.36 -30.14
N GLN A 327 15.45 -9.90 -30.88
CA GLN A 327 14.07 -9.43 -30.73
C GLN A 327 13.52 -9.76 -29.34
N ASN A 328 13.86 -10.94 -28.82
CA ASN A 328 13.35 -11.34 -27.52
C ASN A 328 14.12 -10.73 -26.36
N LEU A 329 15.20 -10.00 -26.64
CA LEU A 329 15.89 -9.27 -25.57
C LEU A 329 15.04 -8.16 -24.97
N VAL A 330 14.10 -7.59 -25.74
CA VAL A 330 13.35 -6.41 -25.32
C VAL A 330 11.96 -6.84 -24.85
N PRO A 331 11.44 -6.26 -23.76
CA PRO A 331 10.11 -6.65 -23.28
C PRO A 331 9.00 -6.26 -24.24
N ASP A 332 7.90 -7.02 -24.18
CA ASP A 332 6.70 -6.76 -24.97
C ASP A 332 5.49 -7.11 -24.11
N TRP A 333 4.96 -6.12 -23.40
CA TRP A 333 3.89 -6.36 -22.44
C TRP A 333 2.54 -6.52 -23.14
N ARG A 334 1.70 -7.39 -22.59
CA ARG A 334 0.36 -7.61 -23.09
C ARG A 334 -0.53 -8.06 -21.94
N GLY A 335 -1.84 -7.86 -22.11
CA GLY A 335 -2.81 -8.36 -21.17
C GLY A 335 -2.97 -7.50 -19.93
N PRO A 336 -3.86 -7.90 -19.03
CA PRO A 336 -4.09 -7.10 -17.81
C PRO A 336 -3.01 -7.24 -16.77
N ASP A 337 -2.34 -8.39 -16.69
CA ASP A 337 -1.27 -8.62 -15.73
C ASP A 337 0.11 -8.52 -16.35
N GLY A 338 0.21 -7.91 -17.54
CA GLY A 338 1.48 -7.76 -18.21
C GLY A 338 2.31 -6.60 -17.71
N THR A 339 2.69 -6.66 -16.43
CA THR A 339 3.60 -5.69 -15.83
C THR A 339 4.75 -6.43 -15.18
N PHE A 340 5.81 -5.69 -14.86
CA PHE A 340 6.99 -6.31 -14.26
C PHE A 340 6.65 -6.98 -12.94
N PHE A 341 5.94 -6.28 -12.07
CA PHE A 341 5.67 -6.83 -10.74
C PHE A 341 4.55 -7.87 -10.78
N GLY A 342 3.60 -7.77 -11.71
CA GLY A 342 2.64 -8.84 -11.87
C GLY A 342 3.30 -10.15 -12.26
N MET A 343 4.25 -10.09 -13.20
CA MET A 343 4.94 -11.30 -13.60
C MET A 343 5.91 -11.76 -12.52
N PHE A 344 6.46 -10.84 -11.73
CA PHE A 344 7.22 -11.25 -10.56
C PHE A 344 6.35 -12.05 -9.59
N SER A 345 5.12 -11.57 -9.36
CA SER A 345 4.21 -12.28 -8.47
C SER A 345 3.86 -13.65 -9.03
N ILE A 346 3.67 -13.75 -10.35
CA ILE A 346 3.37 -15.04 -10.96
C ILE A 346 4.55 -15.99 -10.84
N PHE A 347 5.77 -15.49 -11.06
CA PHE A 347 6.95 -16.34 -11.06
C PHE A 347 7.39 -16.77 -9.68
N PHE A 348 7.21 -15.92 -8.67
CA PHE A 348 7.82 -16.16 -7.36
C PHE A 348 7.54 -17.53 -6.76
N PRO A 349 6.35 -18.14 -6.87
CA PRO A 349 6.16 -19.48 -6.32
C PRO A 349 7.10 -20.53 -6.88
N SER A 350 7.77 -20.25 -8.01
CA SER A 350 8.71 -21.22 -8.56
C SER A 350 10.08 -21.17 -7.88
N ALA A 351 10.29 -20.22 -6.98
CA ALA A 351 11.53 -20.14 -6.22
C ALA A 351 11.35 -20.53 -4.76
N THR A 352 10.16 -20.97 -4.38
CA THR A 352 9.82 -21.34 -3.01
C THR A 352 9.99 -22.84 -2.83
N GLY A 353 9.73 -23.30 -1.60
CA GLY A 353 9.96 -24.69 -1.26
C GLY A 353 11.32 -24.99 -0.68
N ILE A 354 12.01 -23.98 -0.15
CA ILE A 354 13.34 -24.20 0.40
C ILE A 354 13.30 -24.72 1.83
N LEU A 355 12.13 -24.72 2.47
CA LEU A 355 12.02 -25.25 3.82
C LEU A 355 11.93 -26.77 3.84
N ALA A 356 11.70 -27.40 2.68
CA ALA A 356 11.47 -28.85 2.65
C ALA A 356 12.66 -29.62 3.19
N GLY A 357 13.87 -29.19 2.86
CA GLY A 357 15.05 -29.88 3.37
C GLY A 357 15.13 -29.87 4.88
N ALA A 358 14.50 -28.90 5.53
CA ALA A 358 14.49 -28.85 6.98
C ALA A 358 13.42 -29.73 7.61
N ASN A 359 12.40 -30.11 6.85
CA ASN A 359 11.28 -30.87 7.43
C ASN A 359 11.71 -32.13 8.17
N ILE A 360 12.74 -32.81 7.66
CA ILE A 360 13.18 -34.06 8.28
C ILE A 360 14.49 -33.83 9.02
N SER A 361 14.69 -32.59 9.52
CA SER A 361 15.91 -32.27 10.25
C SER A 361 16.15 -33.24 11.40
N GLY A 362 15.09 -33.70 12.06
CA GLY A 362 15.24 -34.62 13.16
C GLY A 362 15.62 -36.03 12.75
N ASP A 363 15.36 -36.41 11.51
CA ASP A 363 15.66 -37.76 11.05
C ASP A 363 17.01 -37.86 10.34
N LEU A 364 17.75 -36.77 10.22
CA LEU A 364 19.05 -36.81 9.56
C LEU A 364 20.14 -37.18 10.56
N LYS A 365 21.09 -37.99 10.08
CA LYS A 365 22.20 -38.41 10.94
C LYS A 365 23.09 -37.23 11.29
N ASP A 366 23.39 -36.37 10.32
CA ASP A 366 24.21 -35.17 10.53
C ASP A 366 23.51 -33.99 9.90
N PRO A 367 22.39 -33.54 10.48
CA PRO A 367 21.65 -32.43 9.85
C PRO A 367 22.42 -31.12 9.83
N ALA A 368 23.26 -30.87 10.84
CA ALA A 368 23.92 -29.58 10.99
C ALA A 368 24.82 -29.24 9.80
N ILE A 369 25.38 -30.24 9.14
CA ILE A 369 26.22 -30.02 7.97
C ILE A 369 25.45 -30.22 6.67
N ALA A 370 24.48 -31.13 6.67
CA ALA A 370 23.76 -31.46 5.45
C ALA A 370 22.76 -30.39 5.04
N ILE A 371 22.06 -29.79 6.02
CA ILE A 371 20.97 -28.87 5.69
C ILE A 371 21.46 -27.64 4.93
N PRO A 372 22.46 -26.87 5.42
CA PRO A 372 22.83 -25.64 4.72
C PRO A 372 23.40 -25.86 3.33
N LYS A 373 24.36 -26.79 3.22
CA LYS A 373 24.98 -27.07 1.93
C LYS A 373 23.96 -27.60 0.93
N GLY A 374 23.10 -28.52 1.37
CA GLY A 374 22.08 -29.04 0.47
C GLY A 374 21.11 -27.97 0.02
N THR A 375 20.62 -27.15 0.94
CA THR A 375 19.68 -26.10 0.57
C THR A 375 20.31 -25.11 -0.40
N LEU A 376 21.55 -24.69 -0.13
CA LEU A 376 22.19 -23.70 -0.99
C LEU A 376 22.50 -24.27 -2.37
N MET A 377 22.97 -25.53 -2.42
CA MET A 377 23.23 -26.15 -3.72
C MET A 377 21.95 -26.33 -4.51
N ALA A 378 20.85 -26.69 -3.84
CA ALA A 378 19.57 -26.82 -4.53
C ALA A 378 19.13 -25.47 -5.10
N ILE A 379 19.27 -24.41 -4.31
CA ILE A 379 18.91 -23.07 -4.81
C ILE A 379 19.77 -22.70 -6.02
N PHE A 380 21.07 -22.96 -5.93
CA PHE A 380 21.97 -22.62 -7.03
C PHE A 380 21.61 -23.37 -8.31
N TRP A 381 21.38 -24.68 -8.20
CA TRP A 381 21.11 -25.48 -9.39
C TRP A 381 19.74 -25.16 -9.98
N THR A 382 18.73 -24.93 -9.14
CA THR A 382 17.44 -24.52 -9.66
C THR A 382 17.52 -23.17 -10.35
N THR A 383 18.31 -22.23 -9.80
CA THR A 383 18.49 -20.94 -10.45
C THR A 383 19.17 -21.09 -11.80
N ILE A 384 20.20 -21.93 -11.86
CA ILE A 384 20.90 -22.15 -13.13
C ILE A 384 19.95 -22.76 -14.15
N SER A 385 19.13 -23.72 -13.73
CA SER A 385 18.16 -24.32 -14.64
C SER A 385 17.16 -23.29 -15.15
N TYR A 386 16.64 -22.44 -14.26
CA TYR A 386 15.70 -21.42 -14.67
C TYR A 386 16.34 -20.48 -15.69
N LEU A 387 17.57 -20.04 -15.42
CA LEU A 387 18.25 -19.11 -16.32
C LEU A 387 18.49 -19.75 -17.69
N ALA A 388 18.98 -21.00 -17.69
CA ALA A 388 19.28 -21.66 -18.96
C ALA A 388 18.02 -21.91 -19.77
N ILE A 389 16.95 -22.37 -19.12
CA ILE A 389 15.70 -22.61 -19.85
C ILE A 389 15.14 -21.31 -20.40
N SER A 390 15.18 -20.24 -19.59
CA SER A 390 14.68 -18.95 -20.07
C SER A 390 15.44 -18.47 -21.29
N ALA A 391 16.78 -18.48 -21.22
CA ALA A 391 17.57 -18.02 -22.36
C ALA A 391 17.36 -18.89 -23.58
N THR A 392 17.35 -20.22 -23.40
CA THR A 392 17.21 -21.12 -24.55
C THR A 392 15.85 -20.99 -25.21
N ILE A 393 14.78 -20.87 -24.42
CA ILE A 393 13.46 -20.72 -25.01
C ILE A 393 13.30 -19.34 -25.64
N GLY A 394 13.93 -18.31 -25.07
CA GLY A 394 13.83 -16.99 -25.66
C GLY A 394 14.66 -16.79 -26.91
N SER A 395 15.69 -17.61 -27.12
CA SER A 395 16.54 -17.50 -28.29
C SER A 395 16.17 -18.49 -29.39
N CYS A 396 14.99 -19.11 -29.29
CA CYS A 396 14.70 -20.24 -30.18
C CYS A 396 13.35 -20.11 -30.89
N VAL A 397 12.37 -19.51 -30.24
CA VAL A 397 11.02 -19.41 -30.79
C VAL A 397 10.56 -17.96 -30.77
N VAL A 398 9.75 -17.60 -31.75
CA VAL A 398 9.23 -16.24 -31.90
C VAL A 398 7.99 -16.06 -31.02
N ARG A 399 7.58 -14.81 -30.81
CA ARG A 399 6.46 -14.55 -29.92
C ARG A 399 5.13 -14.94 -30.54
N ASP A 400 4.91 -14.61 -31.80
CA ASP A 400 3.61 -14.79 -32.45
C ASP A 400 3.70 -15.87 -33.52
N ALA A 401 2.69 -16.73 -33.54
CA ALA A 401 2.59 -17.77 -34.55
C ALA A 401 1.13 -18.06 -34.84
N SER A 402 0.87 -18.62 -36.02
CA SER A 402 -0.48 -18.90 -36.47
C SER A 402 -0.87 -20.35 -36.28
N GLY A 403 0.01 -21.29 -36.63
CA GLY A 403 -0.28 -22.70 -36.55
C GLY A 403 -0.91 -23.29 -37.80
N VAL A 404 -1.28 -22.45 -38.77
CA VAL A 404 -1.87 -22.96 -39.99
C VAL A 404 -0.77 -23.49 -40.91
N LEU A 405 -0.92 -24.73 -41.36
CA LEU A 405 0.12 -25.39 -42.13
C LEU A 405 0.27 -24.83 -43.54
N ASN A 406 -0.80 -24.30 -44.13
CA ASN A 406 -0.77 -23.75 -45.48
C ASN A 406 -0.51 -22.25 -45.47
N ASP A 407 0.16 -21.75 -44.45
CA ASP A 407 0.39 -20.31 -44.27
C ASP A 407 1.81 -19.93 -44.66
N THR A 408 2.38 -20.63 -45.64
CA THR A 408 3.72 -20.33 -46.10
C THR A 408 3.72 -19.08 -46.98
N VAL A 409 4.92 -18.50 -47.16
CA VAL A 409 5.08 -17.29 -47.94
C VAL A 409 5.20 -17.64 -49.41
N THR A 410 4.06 -17.69 -50.11
CA THR A 410 4.05 -18.08 -51.51
C THR A 410 4.87 -17.18 -52.42
N PRO A 411 5.44 -17.75 -53.49
CA PRO A 411 6.17 -16.92 -54.45
C PRO A 411 5.20 -15.95 -55.07
N GLY A 412 5.65 -14.73 -55.39
CA GLY A 412 4.70 -13.73 -55.86
C GLY A 412 4.27 -12.94 -54.64
N TRP A 413 3.05 -12.41 -54.66
CA TRP A 413 2.63 -11.55 -53.55
C TRP A 413 2.65 -12.26 -52.20
N GLY A 414 3.14 -11.57 -51.18
CA GLY A 414 3.22 -12.14 -49.85
C GLY A 414 3.72 -11.01 -48.98
N ALA A 415 3.69 -11.15 -47.66
CA ALA A 415 4.08 -10.01 -46.81
C ALA A 415 5.03 -10.45 -45.69
N CYS A 416 5.78 -9.50 -45.13
CA CYS A 416 6.72 -9.86 -44.08
C CYS A 416 6.33 -9.44 -42.68
N GLU A 417 6.27 -10.40 -41.76
CA GLU A 417 6.02 -10.04 -40.38
C GLU A 417 7.17 -10.52 -39.53
N GLY A 418 7.92 -9.59 -38.96
CA GLY A 418 9.00 -9.95 -38.06
C GLY A 418 9.96 -10.95 -38.66
N LEU A 419 10.32 -11.96 -37.87
CA LEU A 419 11.20 -13.01 -38.38
C LEU A 419 10.59 -13.95 -39.40
N ALA A 420 9.32 -14.32 -39.22
CA ALA A 420 8.67 -15.29 -40.11
C ALA A 420 8.99 -15.23 -41.59
N CYS A 421 8.95 -14.04 -42.19
CA CYS A 421 9.15 -13.92 -43.64
C CYS A 421 10.52 -14.38 -44.06
N SER A 422 11.48 -14.41 -43.13
CA SER A 422 12.85 -14.74 -43.47
C SER A 422 12.97 -16.24 -43.72
N TYR A 423 11.98 -17.03 -43.33
CA TYR A 423 12.01 -18.48 -43.50
C TYR A 423 10.86 -19.01 -44.34
N GLY A 424 10.07 -18.14 -44.94
CA GLY A 424 8.96 -18.56 -45.78
C GLY A 424 7.66 -18.73 -45.01
N TRP A 425 7.38 -17.81 -44.10
CA TRP A 425 6.13 -17.82 -43.34
C TRP A 425 5.54 -16.41 -43.35
N ASN A 426 4.22 -16.34 -43.30
CA ASN A 426 3.48 -15.09 -43.37
C ASN A 426 2.59 -15.00 -42.14
N PHE A 427 3.13 -14.42 -41.06
CA PHE A 427 2.41 -14.27 -39.80
C PHE A 427 1.77 -12.89 -39.65
N THR A 428 1.37 -12.27 -40.76
CA THR A 428 0.90 -10.89 -40.72
C THR A 428 -0.51 -10.80 -40.14
N GLU A 429 -1.48 -11.44 -40.79
CA GLU A 429 -2.88 -11.29 -40.39
C GLU A 429 -3.10 -11.76 -38.95
N CYS A 430 -2.41 -12.83 -38.55
CA CYS A 430 -2.52 -13.29 -37.17
C CYS A 430 -2.05 -12.20 -36.19
N THR A 431 -0.96 -11.51 -36.54
CA THR A 431 -0.48 -10.43 -35.69
C THR A 431 -1.45 -9.26 -35.67
N GLN A 432 -2.03 -8.91 -36.82
CA GLN A 432 -2.91 -7.75 -36.89
C GLN A 432 -4.21 -7.98 -36.12
N GLN A 433 -4.86 -9.12 -36.34
CA GLN A 433 -6.14 -9.37 -35.69
C GLN A 433 -5.99 -9.84 -34.25
N HIS A 434 -4.77 -10.08 -33.78
CA HIS A 434 -4.51 -10.50 -32.41
C HIS A 434 -5.26 -11.79 -32.07
N SER A 435 -5.36 -12.69 -33.04
CA SER A 435 -6.05 -13.96 -32.88
C SER A 435 -5.09 -15.12 -33.05
N CYS A 436 -3.87 -14.96 -32.52
CA CYS A 436 -2.85 -16.00 -32.62
C CYS A 436 -3.07 -17.03 -31.52
N HIS A 437 -3.39 -18.27 -31.92
CA HIS A 437 -3.59 -19.35 -30.97
C HIS A 437 -2.29 -20.00 -30.54
N TYR A 438 -1.18 -19.73 -31.23
CA TYR A 438 0.10 -20.35 -30.94
C TYR A 438 1.16 -19.26 -30.75
N GLY A 439 2.42 -19.69 -30.66
CA GLY A 439 3.52 -18.79 -30.40
C GLY A 439 3.92 -18.79 -28.94
N LEU A 440 5.11 -18.23 -28.68
CA LEU A 440 5.64 -18.20 -27.33
C LEU A 440 4.82 -17.29 -26.42
N ILE A 441 4.13 -16.30 -26.97
CA ILE A 441 3.38 -15.34 -26.16
C ILE A 441 1.95 -15.80 -25.87
N ASN A 442 1.41 -16.72 -26.66
CA ASN A 442 0.03 -17.15 -26.51
C ASN A 442 -0.13 -18.58 -26.05
N TYR A 443 0.71 -19.50 -26.52
CA TYR A 443 0.58 -20.93 -26.22
C TYR A 443 1.34 -21.23 -24.94
N TYR A 444 0.62 -21.68 -23.91
CA TYR A 444 1.27 -22.04 -22.64
C TYR A 444 2.03 -23.36 -22.73
N GLN A 445 1.63 -24.25 -23.64
CA GLN A 445 2.25 -25.56 -23.76
C GLN A 445 3.28 -25.61 -24.87
N THR A 446 3.99 -24.50 -25.11
CA THR A 446 4.99 -24.46 -26.17
C THR A 446 6.25 -25.25 -25.83
N MET A 447 6.55 -25.45 -24.54
CA MET A 447 7.71 -26.24 -24.17
C MET A 447 7.55 -27.69 -24.60
N SER A 448 6.32 -28.21 -24.58
CA SER A 448 6.08 -29.56 -25.07
C SER A 448 6.22 -29.63 -26.58
N MET A 449 5.79 -28.58 -27.28
CA MET A 449 5.91 -28.57 -28.74
C MET A 449 7.36 -28.50 -29.18
N VAL A 450 8.18 -27.72 -28.48
CA VAL A 450 9.57 -27.54 -28.87
C VAL A 450 10.33 -28.86 -28.78
N SER A 451 10.10 -29.62 -27.72
CA SER A 451 10.89 -30.82 -27.45
C SER A 451 10.64 -31.89 -28.51
N GLY A 452 11.46 -32.94 -28.45
CA GLY A 452 11.39 -34.02 -29.43
C GLY A 452 10.19 -34.92 -29.30
N PHE A 453 9.97 -35.47 -28.10
CA PHE A 453 8.88 -36.41 -27.84
C PHE A 453 8.04 -35.84 -26.70
N ALA A 454 6.84 -35.34 -27.03
CA ALA A 454 6.03 -34.63 -26.06
C ALA A 454 5.60 -35.45 -24.84
N PRO A 455 5.19 -36.72 -24.97
CA PRO A 455 4.75 -37.45 -23.77
C PRO A 455 5.77 -37.51 -22.65
N LEU A 456 7.07 -37.47 -22.97
CA LEU A 456 8.07 -37.37 -21.91
C LEU A 456 7.94 -36.06 -21.14
N ILE A 457 7.68 -34.96 -21.86
CA ILE A 457 7.46 -33.68 -21.20
C ILE A 457 6.19 -33.72 -20.35
N THR A 458 5.14 -34.38 -20.86
CA THR A 458 3.92 -34.51 -20.08
C THR A 458 4.15 -35.31 -18.81
N ALA A 459 4.93 -36.39 -18.90
CA ALA A 459 5.27 -37.18 -17.73
C ALA A 459 6.07 -36.35 -16.73
N GLY A 460 7.00 -35.53 -17.23
CA GLY A 460 7.74 -34.65 -16.35
C GLY A 460 6.85 -33.64 -15.64
N ILE A 461 5.87 -33.09 -16.36
CA ILE A 461 4.92 -32.16 -15.75
C ILE A 461 4.14 -32.87 -14.65
N PHE A 462 3.65 -34.08 -14.94
CA PHE A 462 2.91 -34.83 -13.93
C PHE A 462 3.76 -35.08 -12.71
N GLY A 463 5.01 -35.52 -12.90
CA GLY A 463 5.87 -35.83 -11.77
C GLY A 463 6.16 -34.61 -10.92
N ALA A 464 6.52 -33.49 -11.58
CA ALA A 464 6.83 -32.28 -10.84
C ALA A 464 5.62 -31.78 -10.05
N THR A 465 4.46 -31.70 -10.70
CA THR A 465 3.27 -31.20 -10.02
C THR A 465 2.86 -32.11 -8.87
N LEU A 466 2.87 -33.43 -9.08
CA LEU A 466 2.47 -34.34 -8.01
C LEU A 466 3.42 -34.27 -6.84
N SER A 467 4.73 -34.25 -7.09
CA SER A 467 5.71 -34.17 -6.01
C SER A 467 5.53 -32.88 -5.21
N SER A 468 5.40 -31.75 -5.91
CA SER A 468 5.26 -30.47 -5.22
C SER A 468 3.97 -30.43 -4.39
N ALA A 469 2.85 -30.88 -4.98
CA ALA A 469 1.57 -30.84 -4.29
C ALA A 469 1.58 -31.74 -3.06
N LEU A 470 2.11 -32.96 -3.20
CA LEU A 470 2.14 -33.87 -2.06
C LEU A 470 3.03 -33.35 -0.96
N ALA A 471 4.20 -32.79 -1.32
CA ALA A 471 5.08 -32.23 -0.29
C ALA A 471 4.41 -31.05 0.42
N CYS A 472 3.75 -30.17 -0.33
CA CYS A 472 3.08 -29.04 0.29
C CYS A 472 1.95 -29.50 1.22
N LEU A 473 1.18 -30.51 0.81
CA LEU A 473 0.09 -31.01 1.64
C LEU A 473 0.63 -31.62 2.93
N VAL A 474 1.67 -32.43 2.83
CA VAL A 474 2.26 -33.02 4.02
C VAL A 474 2.79 -31.95 4.96
N SER A 475 3.48 -30.95 4.41
CA SER A 475 4.02 -29.88 5.24
C SER A 475 2.92 -29.10 5.93
N ALA A 476 1.86 -28.76 5.20
CA ALA A 476 0.76 -28.00 5.80
C ALA A 476 0.09 -28.80 6.92
N ALA A 477 -0.16 -30.08 6.68
CA ALA A 477 -0.80 -30.91 7.70
C ALA A 477 0.07 -31.02 8.94
N LYS A 478 1.38 -31.27 8.77
CA LYS A 478 2.26 -31.39 9.92
C LYS A 478 2.34 -30.08 10.69
N VAL A 479 2.40 -28.95 9.98
CA VAL A 479 2.48 -27.66 10.66
C VAL A 479 1.19 -27.39 11.44
N PHE A 480 0.03 -27.66 10.84
CA PHE A 480 -1.22 -27.47 11.55
C PHE A 480 -1.28 -28.32 12.81
N GLN A 481 -0.92 -29.60 12.68
CA GLN A 481 -0.97 -30.51 13.83
C GLN A 481 -0.02 -30.05 14.93
N CYS A 482 1.22 -29.71 14.59
CA CYS A 482 2.18 -29.33 15.62
C CYS A 482 1.82 -27.99 16.26
N LEU A 483 1.24 -27.07 15.49
CA LEU A 483 0.77 -25.82 16.07
C LEU A 483 -0.38 -26.06 17.04
N CYS A 484 -1.31 -26.93 16.68
CA CYS A 484 -2.41 -27.25 17.59
C CYS A 484 -1.96 -28.07 18.80
N GLU A 485 -0.83 -28.77 18.70
CA GLU A 485 -0.34 -29.55 19.83
C GLU A 485 0.05 -28.65 21.00
N ASP A 486 0.69 -27.52 20.72
CA ASP A 486 1.20 -26.64 21.75
C ASP A 486 0.13 -25.80 22.44
N GLN A 487 -1.11 -25.83 21.93
CA GLN A 487 -2.23 -25.12 22.52
C GLN A 487 -1.95 -23.61 22.57
N LEU A 488 -1.60 -23.06 21.41
CA LEU A 488 -1.37 -21.62 21.30
C LEU A 488 -2.66 -20.85 21.55
N TYR A 489 -3.77 -21.33 21.01
CA TYR A 489 -5.08 -20.72 21.21
C TYR A 489 -6.09 -21.78 21.60
N PRO A 490 -7.06 -21.43 22.45
CA PRO A 490 -8.08 -22.42 22.83
C PRO A 490 -8.93 -22.90 21.67
N LEU A 491 -9.17 -22.06 20.66
CA LEU A 491 -10.05 -22.44 19.56
C LEU A 491 -9.41 -23.51 18.67
N ILE A 492 -8.11 -23.41 18.40
CA ILE A 492 -7.45 -24.35 17.52
C ILE A 492 -7.34 -25.75 18.13
N GLY A 493 -7.52 -25.87 19.44
CA GLY A 493 -7.37 -27.16 20.08
C GLY A 493 -8.38 -28.20 19.61
N PHE A 494 -9.59 -27.75 19.24
CA PHE A 494 -10.63 -28.68 18.81
C PHE A 494 -10.26 -29.37 17.51
N PHE A 495 -9.30 -28.82 16.76
CA PHE A 495 -8.83 -29.43 15.51
C PHE A 495 -7.51 -30.16 15.69
N GLY A 496 -7.02 -30.29 16.93
CA GLY A 496 -5.77 -30.95 17.21
C GLY A 496 -5.86 -32.35 17.76
N LYS A 497 -7.04 -32.96 17.76
CA LYS A 497 -7.23 -34.31 18.30
C LYS A 497 -7.07 -35.30 17.15
N GLY A 498 -5.86 -35.86 17.03
CA GLY A 498 -5.61 -36.84 15.99
C GLY A 498 -6.27 -38.18 16.28
N TYR A 499 -6.46 -38.96 15.22
CA TYR A 499 -7.09 -40.26 15.34
C TYR A 499 -6.28 -41.33 14.59
N GLY A 500 -6.84 -42.53 14.48
CA GLY A 500 -6.16 -43.62 13.81
C GLY A 500 -5.31 -44.44 14.75
N LYS A 501 -4.77 -45.54 14.20
CA LYS A 501 -3.94 -46.44 14.99
C LYS A 501 -2.65 -45.75 15.45
N ASN A 502 -2.02 -44.98 14.57
CA ASN A 502 -0.77 -44.29 14.87
C ASN A 502 -0.99 -42.83 15.27
N LYS A 503 -2.22 -42.47 15.65
CA LYS A 503 -2.56 -41.10 16.04
C LYS A 503 -2.23 -40.10 14.92
N GLU A 504 -2.57 -40.46 13.69
CA GLU A 504 -2.35 -39.56 12.57
C GLU A 504 -3.29 -38.37 12.66
N PRO A 505 -2.82 -37.15 12.39
CA PRO A 505 -3.69 -35.98 12.51
C PRO A 505 -4.69 -35.86 11.37
N VAL A 506 -5.79 -36.60 11.44
CA VAL A 506 -6.77 -36.60 10.37
C VAL A 506 -7.40 -35.21 10.22
N ARG A 507 -7.66 -34.54 11.34
CA ARG A 507 -8.35 -33.25 11.28
C ARG A 507 -7.54 -32.21 10.54
N GLY A 508 -6.22 -32.17 10.76
CA GLY A 508 -5.39 -31.23 10.03
C GLY A 508 -5.38 -31.49 8.55
N TYR A 509 -5.32 -32.77 8.15
CA TYR A 509 -5.41 -33.10 6.73
C TYR A 509 -6.73 -32.67 6.14
N LEU A 510 -7.84 -32.85 6.88
CA LEU A 510 -9.14 -32.43 6.39
C LEU A 510 -9.24 -30.92 6.25
N LEU A 511 -8.68 -30.18 7.21
CA LEU A 511 -8.70 -28.72 7.11
C LEU A 511 -7.89 -28.24 5.91
N ALA A 512 -6.70 -28.82 5.71
CA ALA A 512 -5.90 -28.46 4.53
C ALA A 512 -6.62 -28.82 3.24
N TYR A 513 -7.29 -29.97 3.23
CA TYR A 513 -8.06 -30.38 2.06
C TYR A 513 -9.20 -29.41 1.77
N ALA A 514 -9.89 -28.95 2.82
CA ALA A 514 -10.98 -28.01 2.63
C ALA A 514 -10.48 -26.69 2.06
N ILE A 515 -9.37 -26.18 2.60
CA ILE A 515 -8.81 -24.93 2.07
C ILE A 515 -8.35 -25.13 0.63
N ALA A 516 -7.73 -26.27 0.34
CA ALA A 516 -7.26 -26.56 -1.01
C ALA A 516 -8.42 -26.59 -2.00
N VAL A 517 -9.53 -27.24 -1.63
CA VAL A 517 -10.69 -27.28 -2.53
C VAL A 517 -11.28 -25.89 -2.70
N ALA A 518 -11.41 -25.14 -1.60
CA ALA A 518 -11.98 -23.79 -1.68
C ALA A 518 -11.17 -22.91 -2.63
N PHE A 519 -9.85 -23.08 -2.65
CA PHE A 519 -9.03 -22.29 -3.56
C PHE A 519 -8.94 -22.89 -4.96
N ILE A 520 -9.12 -24.21 -5.10
CA ILE A 520 -9.17 -24.82 -6.42
C ILE A 520 -10.41 -24.36 -7.17
N ILE A 521 -11.49 -24.06 -6.44
CA ILE A 521 -12.72 -23.56 -7.05
C ILE A 521 -12.44 -22.38 -7.98
N ILE A 522 -11.41 -21.58 -7.68
CA ILE A 522 -11.06 -20.46 -8.54
C ILE A 522 -10.71 -20.95 -9.95
N ALA A 523 -9.89 -21.99 -10.04
CA ALA A 523 -9.50 -22.61 -11.31
C ALA A 523 -8.85 -21.60 -12.25
N GLU A 524 -7.82 -20.92 -11.74
CA GLU A 524 -7.03 -20.01 -12.56
C GLU A 524 -5.64 -19.91 -11.94
N LEU A 525 -4.63 -20.34 -12.68
CA LEU A 525 -3.27 -20.37 -12.15
C LEU A 525 -2.74 -18.97 -11.89
N ASN A 526 -3.01 -18.04 -12.81
CA ASN A 526 -2.51 -16.67 -12.68
C ASN A 526 -3.18 -15.91 -11.55
N THR A 527 -4.29 -16.42 -11.02
CA THR A 527 -4.93 -15.79 -9.86
C THR A 527 -4.52 -16.44 -8.55
N ILE A 528 -4.27 -17.75 -8.55
CA ILE A 528 -3.81 -18.41 -7.33
C ILE A 528 -2.36 -18.08 -7.04
N ALA A 529 -1.54 -17.87 -8.07
CA ALA A 529 -0.13 -17.62 -7.86
C ALA A 529 0.16 -16.37 -7.01
N PRO A 530 -0.46 -15.21 -7.25
CA PRO A 530 -0.12 -14.03 -6.43
C PRO A 530 -0.42 -14.19 -4.96
N ILE A 531 -1.47 -14.94 -4.59
CA ILE A 531 -1.77 -15.15 -3.18
C ILE A 531 -0.63 -15.90 -2.49
N ILE A 532 -0.13 -16.95 -3.14
CA ILE A 532 1.00 -17.70 -2.58
C ILE A 532 2.25 -16.84 -2.56
N SER A 533 2.45 -16.03 -3.59
CA SER A 533 3.58 -15.11 -3.58
C SER A 533 3.53 -14.20 -2.36
N ASN A 534 2.35 -13.61 -2.10
CA ASN A 534 2.20 -12.71 -0.97
C ASN A 534 2.45 -13.42 0.35
N PHE A 535 1.88 -14.61 0.53
CA PHE A 535 2.00 -15.28 1.83
C PHE A 535 3.41 -15.81 2.05
N PHE A 536 4.07 -16.32 1.01
CA PHE A 536 5.45 -16.77 1.17
C PHE A 536 6.39 -15.59 1.40
N LEU A 537 6.14 -14.46 0.74
CA LEU A 537 6.94 -13.26 1.00
C LEU A 537 6.76 -12.80 2.44
N CYS A 538 5.52 -12.85 2.95
CA CYS A 538 5.29 -12.48 4.34
C CYS A 538 6.01 -13.42 5.29
N SER A 539 5.95 -14.73 5.03
CA SER A 539 6.61 -15.68 5.92
C SER A 539 8.12 -15.49 5.91
N TYR A 540 8.69 -15.25 4.72
CA TYR A 540 10.13 -15.00 4.63
C TYR A 540 10.51 -13.70 5.34
N ALA A 541 9.69 -12.66 5.20
CA ALA A 541 9.95 -11.41 5.91
C ALA A 541 9.94 -11.61 7.41
N LEU A 542 8.95 -12.35 7.93
CA LEU A 542 8.91 -12.61 9.37
C LEU A 542 10.11 -13.42 9.84
N ILE A 543 10.50 -14.47 9.11
CA ILE A 543 11.62 -15.27 9.59
C ILE A 543 12.92 -14.45 9.55
N ASN A 544 13.12 -13.66 8.49
CA ASN A 544 14.32 -12.83 8.40
C ASN A 544 14.35 -11.79 9.52
N PHE A 545 13.25 -11.08 9.73
CA PHE A 545 13.22 -10.04 10.75
C PHE A 545 13.35 -10.63 12.14
N SER A 546 12.74 -11.79 12.39
CA SER A 546 12.88 -12.42 13.69
C SER A 546 14.31 -12.85 13.95
N CYS A 547 14.99 -13.37 12.92
CA CYS A 547 16.39 -13.73 13.09
C CYS A 547 17.24 -12.49 13.36
N PHE A 548 16.95 -11.39 12.66
CA PHE A 548 17.64 -10.13 12.93
C PHE A 548 17.41 -9.64 14.36
N HIS A 549 16.16 -9.70 14.83
CA HIS A 549 15.85 -9.23 16.17
C HIS A 549 16.54 -10.08 17.22
N ALA A 550 16.57 -11.40 17.02
CA ALA A 550 17.29 -12.27 17.93
C ALA A 550 18.78 -11.97 17.92
N SER A 551 19.34 -11.65 16.75
CA SER A 551 20.76 -11.32 16.67
C SER A 551 21.07 -10.02 17.41
N ILE A 552 20.32 -8.96 17.12
CA ILE A 552 20.63 -7.64 17.67
C ILE A 552 20.34 -7.60 19.17
N THR A 553 19.26 -8.25 19.60
CA THR A 553 18.89 -8.23 21.01
C THR A 553 19.83 -9.09 21.86
N ASN A 554 20.55 -10.01 21.24
CA ASN A 554 21.46 -10.93 21.94
C ASN A 554 20.69 -11.79 22.94
N SER A 555 19.79 -12.61 22.41
CA SER A 555 19.02 -13.52 23.25
C SER A 555 19.96 -14.54 23.91
N PRO A 556 19.62 -15.01 25.10
CA PRO A 556 20.55 -15.90 25.82
C PRO A 556 20.70 -17.26 25.16
N GLY A 557 19.63 -17.88 24.70
CA GLY A 557 19.67 -19.20 24.13
C GLY A 557 19.84 -19.28 22.62
N TRP A 558 20.07 -18.16 21.96
CA TRP A 558 20.19 -18.13 20.49
C TRP A 558 21.63 -17.78 20.11
N ARG A 559 22.33 -18.75 19.55
CA ARG A 559 23.74 -18.58 19.17
C ARG A 559 24.04 -19.48 17.99
N PRO A 560 23.83 -18.99 16.76
CA PRO A 560 24.13 -19.81 15.59
C PRO A 560 25.63 -19.97 15.38
N SER A 561 25.98 -21.03 14.64
CA SER A 561 27.37 -21.31 14.32
C SER A 561 27.68 -21.22 12.84
N PHE A 562 26.69 -20.93 12.00
CA PHE A 562 26.93 -20.74 10.57
C PHE A 562 27.82 -19.53 10.35
N GLN A 563 28.82 -19.68 9.50
CA GLN A 563 29.84 -18.65 9.29
C GLN A 563 29.51 -17.70 8.15
N TYR A 564 28.40 -17.90 7.45
CA TYR A 564 27.99 -17.02 6.37
C TYR A 564 26.76 -16.18 6.72
N TYR A 565 26.42 -16.10 8.01
CA TYR A 565 25.25 -15.35 8.45
C TYR A 565 25.65 -13.96 8.91
N ASN A 566 24.90 -12.96 8.47
CA ASN A 566 25.13 -11.59 8.89
C ASN A 566 23.79 -10.93 9.21
N LYS A 567 23.78 -10.13 10.28
CA LYS A 567 22.54 -9.48 10.72
C LYS A 567 22.00 -8.55 9.66
N TRP A 568 22.86 -7.72 9.07
CA TRP A 568 22.41 -6.68 8.16
C TRP A 568 21.91 -7.29 6.85
N ALA A 569 22.47 -8.43 6.44
CA ALA A 569 21.92 -9.14 5.29
C ALA A 569 20.48 -9.56 5.55
N ALA A 570 20.20 -10.10 6.75
CA ALA A 570 18.84 -10.50 7.09
C ALA A 570 17.91 -9.30 7.16
N LEU A 571 18.38 -8.19 7.74
CA LEU A 571 17.56 -6.99 7.80
C LEU A 571 17.23 -6.47 6.41
N PHE A 572 18.22 -6.44 5.52
CA PHE A 572 17.99 -6.02 4.14
C PHE A 572 17.00 -6.96 3.45
N GLY A 573 17.14 -8.27 3.67
CA GLY A 573 16.20 -9.20 3.08
C GLY A 573 14.77 -8.98 3.55
N ALA A 574 14.60 -8.75 4.85
CA ALA A 574 13.26 -8.49 5.38
C ALA A 574 12.68 -7.20 4.80
N ILE A 575 13.49 -6.14 4.74
CA ILE A 575 13.00 -4.86 4.23
C ILE A 575 12.62 -4.98 2.76
N ILE A 576 13.47 -5.61 1.96
CA ILE A 576 13.19 -5.72 0.52
C ILE A 576 12.00 -6.64 0.29
N SER A 577 11.84 -7.68 1.11
CA SER A 577 10.68 -8.56 0.97
C SER A 577 9.39 -7.81 1.29
N VAL A 578 9.38 -7.00 2.34
CA VAL A 578 8.19 -6.22 2.66
C VAL A 578 7.88 -5.20 1.57
N VAL A 579 8.92 -4.54 1.05
CA VAL A 579 8.72 -3.55 -0.01
C VAL A 579 8.15 -4.21 -1.26
N ILE A 580 8.69 -5.38 -1.63
CA ILE A 580 8.17 -6.11 -2.78
C ILE A 580 6.74 -6.56 -2.53
N MET A 581 6.45 -7.03 -1.31
CA MET A 581 5.09 -7.42 -0.96
C MET A 581 4.11 -6.29 -1.18
N PHE A 582 4.45 -5.09 -0.72
CA PHE A 582 3.57 -3.94 -0.94
C PHE A 582 3.55 -3.49 -2.40
N LEU A 583 4.63 -3.70 -3.14
CA LEU A 583 4.64 -3.35 -4.56
C LEU A 583 3.74 -4.27 -5.36
N LEU A 584 3.60 -5.53 -4.94
CA LEU A 584 2.78 -6.49 -5.67
C LEU A 584 1.29 -6.17 -5.49
N THR A 585 0.83 -6.17 -4.24
CA THR A 585 -0.58 -5.91 -3.94
C THR A 585 -0.65 -5.32 -2.55
N TRP A 586 -1.11 -4.07 -2.44
CA TRP A 586 -1.02 -3.36 -1.17
C TRP A 586 -2.07 -3.84 -0.18
N TRP A 587 -3.28 -4.15 -0.64
CA TRP A 587 -4.32 -4.57 0.29
C TRP A 587 -4.07 -5.96 0.84
N ALA A 588 -3.55 -6.87 0.00
CA ALA A 588 -3.16 -8.19 0.49
C ALA A 588 -2.02 -8.08 1.51
N ALA A 589 -1.07 -7.19 1.26
CA ALA A 589 0.00 -6.95 2.22
C ALA A 589 -0.55 -6.41 3.53
N LEU A 590 -1.52 -5.49 3.44
CA LEU A 590 -2.14 -4.98 4.66
C LEU A 590 -2.84 -6.09 5.43
N ILE A 591 -3.56 -6.97 4.73
CA ILE A 591 -4.23 -8.08 5.40
C ILE A 591 -3.22 -8.98 6.09
N ALA A 592 -2.12 -9.29 5.41
CA ALA A 592 -1.10 -10.16 6.00
C ALA A 592 -0.46 -9.52 7.22
N ILE A 593 -0.13 -8.23 7.14
CA ILE A 593 0.48 -7.54 8.27
C ILE A 593 -0.51 -7.42 9.42
N GLY A 594 -1.78 -7.20 9.12
CA GLY A 594 -2.79 -7.17 10.16
C GLY A 594 -2.95 -8.50 10.86
N VAL A 595 -2.88 -9.60 10.10
CA VAL A 595 -2.92 -10.93 10.70
C VAL A 595 -1.73 -11.14 11.60
N VAL A 596 -0.54 -10.73 11.15
CA VAL A 596 0.67 -10.87 11.96
C VAL A 596 0.53 -10.10 13.27
N LEU A 597 0.10 -8.84 13.17
CA LEU A 597 -0.05 -8.01 14.36
C LEU A 597 -1.12 -8.54 15.29
N PHE A 598 -2.23 -9.03 14.73
CA PHE A 598 -3.28 -9.62 15.56
C PHE A 598 -2.76 -10.83 16.32
N LEU A 599 -2.05 -11.70 15.63
CA LEU A 599 -1.54 -12.91 16.27
C LEU A 599 -0.55 -12.55 17.36
N LEU A 600 0.39 -11.66 17.05
CA LEU A 600 1.38 -11.28 18.03
C LEU A 600 0.75 -10.54 19.19
N LEU A 601 0.09 -9.42 18.94
CA LEU A 601 -0.56 -8.65 19.94
C LEU A 601 -1.44 -9.55 20.76
N TYR A 602 -2.17 -10.48 20.19
CA TYR A 602 -2.98 -11.28 21.05
C TYR A 602 -2.16 -12.02 22.03
N VAL A 603 -1.16 -12.74 21.57
CA VAL A 603 -0.29 -13.42 22.50
C VAL A 603 0.52 -12.49 23.40
N ILE A 604 1.05 -11.39 22.90
CA ILE A 604 1.89 -10.54 23.76
C ILE A 604 1.03 -9.99 24.90
N TYR A 605 -0.24 -9.69 24.62
CA TYR A 605 -1.18 -9.22 25.65
C TYR A 605 -1.64 -10.29 26.62
N LYS A 606 -1.88 -11.50 26.12
CA LYS A 606 -2.44 -12.53 26.99
C LYS A 606 -1.48 -13.62 27.47
N VAL B 139 -12.09 28.50 27.53
CA VAL B 139 -12.84 29.17 26.49
C VAL B 139 -11.93 30.17 25.76
N ASN B 140 -11.42 31.15 26.51
CA ASN B 140 -10.54 32.16 25.93
C ASN B 140 -9.16 31.63 25.58
N GLY B 141 -8.82 30.42 26.01
CA GLY B 141 -7.51 29.85 25.73
C GLY B 141 -7.56 28.45 25.19
N VAL B 142 -8.75 27.87 25.07
CA VAL B 142 -8.89 26.51 24.57
C VAL B 142 -9.81 26.49 23.36
N MET B 143 -11.03 27.00 23.54
CA MET B 143 -12.02 26.93 22.46
C MET B 143 -11.66 27.85 21.30
N ILE B 144 -11.35 29.11 21.60
CA ILE B 144 -11.11 30.09 20.54
C ILE B 144 -9.85 29.76 19.76
N ARG B 145 -8.80 29.31 20.46
CA ARG B 145 -7.55 28.98 19.78
C ARG B 145 -7.74 27.78 18.85
N CYS B 146 -8.46 26.76 19.30
CA CYS B 146 -8.75 25.61 18.45
C CYS B 146 -9.60 26.01 17.26
N MET B 147 -10.60 26.87 17.47
CA MET B 147 -11.46 27.30 16.38
C MET B 147 -10.68 28.11 15.34
N LEU B 148 -9.72 28.93 15.79
CA LEU B 148 -8.93 29.73 14.87
C LEU B 148 -7.90 28.88 14.14
N ASN B 149 -7.33 27.88 14.80
CA ASN B 149 -6.34 27.02 14.15
C ASN B 149 -7.00 26.09 13.14
N ILE B 150 -8.19 25.58 13.46
CA ILE B 150 -8.89 24.67 12.54
C ILE B 150 -9.32 25.42 11.28
N TRP B 151 -9.91 26.59 11.44
CA TRP B 151 -10.36 27.38 10.30
C TRP B 151 -9.16 27.94 9.56
N GLY B 152 -8.96 27.52 8.32
CA GLY B 152 -7.78 27.92 7.57
C GLY B 152 -8.00 28.18 6.11
N VAL B 153 -7.02 27.81 5.29
CA VAL B 153 -7.05 28.11 3.86
C VAL B 153 -8.07 27.25 3.13
N ILE B 154 -8.26 25.99 3.56
CA ILE B 154 -9.10 25.07 2.81
C ILE B 154 -10.56 25.51 2.85
N LEU B 155 -10.99 26.09 3.97
CA LEU B 155 -12.39 26.51 4.11
C LEU B 155 -12.79 27.54 3.06
N TYR B 156 -11.87 28.44 2.71
CA TYR B 156 -12.20 29.58 1.87
C TYR B 156 -11.93 29.34 0.38
N LEU B 157 -11.00 28.46 0.04
CA LEU B 157 -10.55 28.31 -1.35
C LEU B 157 -10.91 26.98 -1.97
N ARG B 158 -10.93 25.89 -1.22
CA ARG B 158 -11.11 24.56 -1.80
C ARG B 158 -12.42 23.89 -1.44
N LEU B 159 -13.10 24.30 -0.37
CA LEU B 159 -14.34 23.61 0.02
C LEU B 159 -15.43 23.73 -1.03
N PRO B 160 -15.73 24.90 -1.61
CA PRO B 160 -16.70 24.91 -2.71
C PRO B 160 -16.27 24.05 -3.89
N TRP B 161 -14.98 24.03 -4.20
CA TRP B 161 -14.48 23.18 -5.28
C TRP B 161 -14.64 21.71 -4.96
N ILE B 162 -14.36 21.32 -3.71
CA ILE B 162 -14.55 19.93 -3.30
C ILE B 162 -16.02 19.54 -3.39
N THR B 163 -16.91 20.44 -2.97
CA THR B 163 -18.35 20.18 -3.08
C THR B 163 -18.76 19.99 -4.54
N ALA B 164 -18.28 20.87 -5.41
CA ALA B 164 -18.62 20.74 -6.83
C ALA B 164 -18.11 19.42 -7.40
N GLN B 165 -16.90 19.03 -7.05
CA GLN B 165 -16.35 17.76 -7.52
C GLN B 165 -17.18 16.57 -7.04
N ALA B 166 -17.45 16.49 -5.73
CA ALA B 166 -17.90 15.25 -5.13
C ALA B 166 -19.38 15.23 -4.75
N GLY B 167 -20.15 16.26 -5.08
CA GLY B 167 -21.55 16.24 -4.70
C GLY B 167 -21.76 16.46 -3.22
N ILE B 168 -22.93 16.99 -2.85
CA ILE B 168 -23.18 17.37 -1.47
C ILE B 168 -23.18 16.14 -0.56
N VAL B 169 -23.75 15.03 -1.02
CA VAL B 169 -23.87 13.85 -0.17
C VAL B 169 -22.49 13.27 0.15
N LEU B 170 -21.65 13.10 -0.88
CA LEU B 170 -20.32 12.57 -0.63
C LEU B 170 -19.44 13.57 0.11
N THR B 171 -19.65 14.88 -0.08
CA THR B 171 -18.94 15.86 0.73
C THR B 171 -19.32 15.72 2.19
N TRP B 172 -20.61 15.52 2.48
CA TRP B 172 -21.05 15.30 3.84
C TRP B 172 -20.44 14.04 4.42
N ILE B 173 -20.36 12.97 3.61
CA ILE B 173 -19.74 11.73 4.09
C ILE B 173 -18.26 11.94 4.39
N ILE B 174 -17.56 12.68 3.52
CA ILE B 174 -16.15 12.98 3.76
C ILE B 174 -15.98 13.75 5.06
N ILE B 175 -16.81 14.78 5.25
CA ILE B 175 -16.73 15.58 6.47
C ILE B 175 -17.01 14.72 7.69
N LEU B 176 -18.03 13.86 7.63
CA LEU B 176 -18.38 13.05 8.79
C LEU B 176 -17.28 12.03 9.12
N LEU B 177 -16.68 11.42 8.10
CA LEU B 177 -15.59 10.47 8.36
C LEU B 177 -14.38 11.17 8.97
N SER B 178 -14.00 12.31 8.40
CA SER B 178 -12.87 13.07 8.96
C SER B 178 -13.16 13.51 10.38
N VAL B 179 -14.39 13.95 10.65
CA VAL B 179 -14.76 14.39 11.99
C VAL B 179 -14.82 13.21 12.95
N THR B 180 -15.17 12.02 12.47
CA THR B 180 -15.12 10.83 13.31
C THR B 180 -13.69 10.54 13.75
N VAL B 181 -12.75 10.59 12.79
CA VAL B 181 -11.35 10.35 13.13
C VAL B 181 -10.86 11.39 14.13
N THR B 182 -11.13 12.67 13.85
CA THR B 182 -10.65 13.74 14.71
C THR B 182 -11.36 13.74 16.06
N SER B 183 -12.59 13.22 16.14
CA SER B 183 -13.30 13.17 17.41
C SER B 183 -12.78 12.04 18.29
N ILE B 184 -12.45 10.89 17.69
CA ILE B 184 -11.79 9.84 18.45
C ILE B 184 -10.44 10.34 18.96
N THR B 185 -9.68 11.03 18.09
CA THR B 185 -8.41 11.59 18.52
C THR B 185 -8.61 12.63 19.63
N GLY B 186 -9.68 13.42 19.54
CA GLY B 186 -9.96 14.41 20.57
C GLY B 186 -10.32 13.77 21.90
N LEU B 187 -11.06 12.67 21.87
CA LEU B 187 -11.33 11.94 23.11
C LEU B 187 -10.05 11.39 23.72
N SER B 188 -9.15 10.85 22.88
CA SER B 188 -7.87 10.39 23.39
C SER B 188 -7.06 11.54 23.99
N ILE B 189 -7.06 12.69 23.31
CA ILE B 189 -6.32 13.86 23.80
C ILE B 189 -6.90 14.35 25.12
N SER B 190 -8.23 14.35 25.24
CA SER B 190 -8.87 14.74 26.49
C SER B 190 -8.50 13.79 27.62
N ALA B 191 -8.46 12.48 27.33
CA ALA B 191 -8.04 11.51 28.33
C ALA B 191 -6.60 11.76 28.76
N ILE B 192 -5.72 12.05 27.80
CA ILE B 192 -4.32 12.32 28.13
C ILE B 192 -4.21 13.58 29.00
N SER B 193 -4.93 14.63 28.63
CA SER B 193 -4.85 15.88 29.37
C SER B 193 -5.39 15.73 30.78
N THR B 194 -6.49 14.99 30.94
CA THR B 194 -7.06 14.75 32.26
C THR B 194 -6.17 13.88 33.13
N ASN B 195 -5.31 13.06 32.53
CA ASN B 195 -4.45 12.15 33.28
C ASN B 195 -3.50 12.90 34.20
N GLY B 196 -3.43 12.45 35.45
CA GLY B 196 -2.42 12.92 36.38
C GLY B 196 -2.51 14.42 36.64
N LYS B 197 -1.35 15.03 36.85
CA LYS B 197 -1.22 16.45 37.10
C LYS B 197 -0.53 17.12 35.93
N VAL B 198 -1.10 18.22 35.46
CA VAL B 198 -0.61 18.91 34.27
C VAL B 198 0.43 19.94 34.70
N LYS B 199 1.61 19.88 34.10
CA LYS B 199 2.69 20.81 34.38
C LYS B 199 2.89 21.73 33.17
N SER B 200 3.68 22.78 33.40
CA SER B 200 3.94 23.78 32.36
C SER B 200 5.07 23.29 31.45
N GLY B 201 4.74 22.31 30.61
CA GLY B 201 5.70 21.74 29.70
C GLY B 201 5.27 21.76 28.25
N GLY B 202 3.97 21.89 28.01
CA GLY B 202 3.46 21.91 26.66
C GLY B 202 2.96 20.56 26.19
N THR B 203 2.61 20.52 24.90
CA THR B 203 2.02 19.33 24.31
C THR B 203 3.00 18.15 24.31
N TYR B 204 4.23 18.39 23.86
CA TYR B 204 5.20 17.31 23.80
C TYR B 204 5.53 16.78 25.19
N PHE B 205 5.71 17.68 26.16
CA PHE B 205 6.00 17.23 27.52
C PHE B 205 4.84 16.43 28.09
N LEU B 206 3.61 16.90 27.86
CA LEU B 206 2.43 16.17 28.33
C LEU B 206 2.37 14.77 27.74
N ILE B 207 2.54 14.66 26.43
CA ILE B 207 2.46 13.36 25.76
C ILE B 207 3.58 12.45 26.24
N SER B 208 4.79 12.98 26.37
CA SER B 208 5.92 12.16 26.79
C SER B 208 5.74 11.66 28.21
N ARG B 209 5.27 12.52 29.12
CA ARG B 209 5.10 12.09 30.50
C ARG B 209 3.87 11.19 30.67
N SER B 210 2.94 11.22 29.73
CA SER B 210 1.76 10.37 29.83
C SER B 210 1.95 9.00 29.18
N LEU B 211 2.71 8.92 28.08
CA LEU B 211 2.82 7.69 27.31
C LEU B 211 4.24 7.14 27.20
N GLY B 212 5.21 7.76 27.87
CA GLY B 212 6.57 7.27 27.81
C GLY B 212 7.35 7.88 26.66
N PRO B 213 8.67 8.00 26.82
CA PRO B 213 9.47 8.66 25.78
C PRO B 213 9.63 7.84 24.51
N GLU B 214 9.50 6.52 24.58
CA GLU B 214 9.79 5.67 23.42
C GLU B 214 8.89 6.01 22.24
N LEU B 215 7.60 6.21 22.49
CA LEU B 215 6.69 6.69 21.46
C LEU B 215 6.57 8.21 21.45
N GLY B 216 6.90 8.87 22.57
CA GLY B 216 6.81 10.31 22.63
C GLY B 216 7.75 11.00 21.66
N GLY B 217 8.99 10.49 21.54
CA GLY B 217 9.93 11.10 20.62
C GLY B 217 9.47 11.02 19.18
N SER B 218 9.01 9.84 18.76
CA SER B 218 8.55 9.68 17.38
C SER B 218 7.30 10.52 17.11
N ILE B 219 6.36 10.53 18.05
CA ILE B 219 5.14 11.30 17.83
C ILE B 219 5.45 12.79 17.77
N GLY B 220 6.39 13.26 18.60
CA GLY B 220 6.77 14.66 18.55
C GLY B 220 7.45 15.02 17.24
N LEU B 221 8.34 14.16 16.76
CA LEU B 221 9.04 14.46 15.51
C LEU B 221 8.07 14.52 14.35
N ILE B 222 7.15 13.56 14.27
CA ILE B 222 6.18 13.56 13.17
C ILE B 222 5.24 14.75 13.29
N PHE B 223 4.83 15.11 14.51
CA PHE B 223 3.96 16.26 14.69
C PHE B 223 4.66 17.54 14.25
N ALA B 224 5.95 17.69 14.58
CA ALA B 224 6.70 18.88 14.17
C ALA B 224 6.82 18.96 12.66
N PHE B 225 7.12 17.84 12.01
CA PHE B 225 7.21 17.84 10.55
C PHE B 225 5.88 18.22 9.91
N ALA B 226 4.78 17.66 10.44
CA ALA B 226 3.46 17.99 9.93
C ALA B 226 3.15 19.47 10.11
N ASN B 227 3.51 20.04 11.26
CA ASN B 227 3.27 21.46 11.48
C ASN B 227 4.09 22.33 10.54
N ALA B 228 5.33 21.93 10.25
CA ALA B 228 6.15 22.70 9.30
C ALA B 228 5.53 22.68 7.90
N VAL B 229 5.14 21.50 7.43
CA VAL B 229 4.54 21.46 6.09
C VAL B 229 3.18 22.17 6.08
N GLY B 230 2.48 22.19 7.22
CA GLY B 230 1.26 22.97 7.30
C GLY B 230 1.52 24.47 7.23
N VAL B 231 2.62 24.93 7.84
CA VAL B 231 3.05 26.31 7.66
C VAL B 231 3.25 26.60 6.18
N ALA B 232 3.90 25.68 5.48
CA ALA B 232 4.08 25.85 4.03
C ALA B 232 2.75 25.97 3.31
N MET B 233 1.79 25.14 3.68
CA MET B 233 0.47 25.15 3.02
C MET B 233 -0.26 26.48 3.25
N HIS B 234 -0.30 26.93 4.51
CA HIS B 234 -1.00 28.17 4.81
C HIS B 234 -0.31 29.36 4.14
N THR B 235 1.03 29.36 4.13
CA THR B 235 1.74 30.45 3.47
C THR B 235 1.49 30.47 1.97
N VAL B 236 1.45 29.30 1.33
CA VAL B 236 1.20 29.29 -0.11
C VAL B 236 -0.24 29.68 -0.41
N GLY B 237 -1.19 29.38 0.49
CA GLY B 237 -2.54 29.88 0.30
C GLY B 237 -2.63 31.39 0.40
N PHE B 238 -1.95 31.97 1.40
CA PHE B 238 -1.87 33.42 1.52
C PHE B 238 -1.21 34.03 0.28
N ALA B 239 -0.17 33.38 -0.23
CA ALA B 239 0.51 33.84 -1.44
C ALA B 239 -0.42 33.81 -2.65
N GLU B 240 -1.22 32.75 -2.77
CA GLU B 240 -2.18 32.67 -3.87
C GLU B 240 -3.22 33.78 -3.77
N THR B 241 -3.70 34.07 -2.56
CA THR B 241 -4.65 35.16 -2.39
C THR B 241 -4.04 36.50 -2.80
N VAL B 242 -2.80 36.75 -2.39
CA VAL B 242 -2.15 38.02 -2.74
C VAL B 242 -1.88 38.08 -4.24
N ARG B 243 -1.53 36.95 -4.86
CA ARG B 243 -1.33 36.92 -6.30
C ARG B 243 -2.62 37.25 -7.04
N ASP B 244 -3.74 36.70 -6.58
CA ASP B 244 -5.02 37.02 -7.20
C ASP B 244 -5.37 38.49 -7.03
N LEU B 245 -5.08 39.06 -5.86
CA LEU B 245 -5.30 40.50 -5.68
C LEU B 245 -4.44 41.31 -6.63
N LEU B 246 -3.17 40.93 -6.79
CA LEU B 246 -2.28 41.65 -7.70
C LEU B 246 -2.77 41.55 -9.14
N GLN B 247 -3.23 40.36 -9.55
CA GLN B 247 -3.77 40.20 -10.90
C GLN B 247 -5.02 41.05 -11.09
N GLU B 248 -5.87 41.14 -10.06
CA GLU B 248 -7.02 42.02 -10.14
C GLU B 248 -6.60 43.48 -10.29
N TYR B 249 -5.54 43.88 -9.58
CA TYR B 249 -4.96 45.20 -9.78
C TYR B 249 -4.40 45.38 -11.19
N GLY B 250 -4.08 44.29 -11.87
CA GLY B 250 -3.50 44.38 -13.20
C GLY B 250 -2.02 44.62 -13.23
N ALA B 251 -1.29 44.19 -12.21
CA ALA B 251 0.16 44.36 -12.13
C ALA B 251 0.83 43.03 -11.80
N PRO B 252 0.88 42.10 -12.75
CA PRO B 252 1.67 40.88 -12.54
C PRO B 252 3.15 41.20 -12.55
N ILE B 253 3.92 40.35 -11.86
CA ILE B 253 5.36 40.59 -11.75
C ILE B 253 6.11 39.85 -12.85
N VAL B 254 6.10 38.53 -12.81
CA VAL B 254 6.76 37.72 -13.84
C VAL B 254 5.79 36.67 -14.40
N ASP B 255 5.22 35.85 -13.54
CA ASP B 255 4.27 34.81 -13.93
C ASP B 255 3.68 34.22 -12.64
N PRO B 256 2.46 33.66 -12.72
CA PRO B 256 1.75 33.31 -11.48
C PRO B 256 2.49 32.40 -10.53
N ILE B 257 3.17 31.36 -11.03
CA ILE B 257 3.79 30.39 -10.14
C ILE B 257 4.98 31.00 -9.40
N ASN B 258 5.86 31.69 -10.13
CA ASN B 258 6.99 32.33 -9.46
C ASN B 258 6.52 33.52 -8.63
N ASP B 259 5.45 34.20 -9.04
CA ASP B 259 4.88 35.23 -8.20
C ASP B 259 4.47 34.65 -6.85
N ILE B 260 3.82 33.48 -6.89
CA ILE B 260 3.50 32.77 -5.66
C ILE B 260 4.77 32.47 -4.87
N ARG B 261 5.84 32.06 -5.58
CA ARG B 261 7.07 31.69 -4.89
C ARG B 261 7.66 32.85 -4.11
N ILE B 262 7.87 34.00 -4.77
CA ILE B 262 8.43 35.16 -4.07
C ILE B 262 7.48 35.65 -2.98
N ILE B 263 6.17 35.71 -3.26
CA ILE B 263 5.24 36.18 -2.23
C ILE B 263 5.30 35.28 -1.00
N GLY B 264 5.34 33.96 -1.20
CA GLY B 264 5.41 33.04 -0.08
C GLY B 264 6.71 33.17 0.70
N VAL B 265 7.84 33.33 0.00
CA VAL B 265 9.11 33.46 0.70
C VAL B 265 9.14 34.73 1.54
N VAL B 266 8.71 35.86 0.96
CA VAL B 266 8.69 37.10 1.71
C VAL B 266 7.73 37.01 2.89
N SER B 267 6.56 36.39 2.68
CA SER B 267 5.58 36.25 3.75
C SER B 267 6.11 35.41 4.89
N VAL B 268 6.77 34.28 4.57
CA VAL B 268 7.27 33.43 5.65
C VAL B 268 8.44 34.11 6.37
N THR B 269 9.25 34.89 5.65
CA THR B 269 10.31 35.64 6.33
C THR B 269 9.72 36.68 7.29
N VAL B 270 8.68 37.40 6.85
CA VAL B 270 8.04 38.38 7.72
C VAL B 270 7.39 37.69 8.91
N LEU B 271 6.78 36.51 8.69
CA LEU B 271 6.20 35.75 9.79
C LEU B 271 7.27 35.32 10.80
N LEU B 272 8.44 34.90 10.31
CA LEU B 272 9.53 34.56 11.22
C LEU B 272 9.97 35.77 12.02
N ALA B 273 10.09 36.93 11.37
CA ALA B 273 10.49 38.15 12.08
C ALA B 273 9.47 38.52 13.14
N ILE B 274 8.18 38.44 12.81
CA ILE B 274 7.13 38.77 13.77
C ILE B 274 7.15 37.79 14.95
N SER B 275 7.32 36.49 14.66
CA SER B 275 7.36 35.51 15.72
C SER B 275 8.56 35.72 16.64
N LEU B 276 9.70 36.10 16.07
CA LEU B 276 10.87 36.38 16.89
C LEU B 276 10.75 37.69 17.65
N ALA B 277 9.92 38.62 17.17
CA ALA B 277 9.73 39.89 17.87
C ALA B 277 9.12 39.69 19.25
N GLY B 278 7.89 39.18 19.29
CA GLY B 278 7.20 39.03 20.56
C GLY B 278 5.85 38.38 20.37
N MET B 279 5.17 38.14 21.49
CA MET B 279 3.87 37.47 21.50
C MET B 279 2.72 38.38 21.87
N GLU B 280 2.98 39.58 22.39
CA GLU B 280 1.90 40.48 22.75
C GLU B 280 1.08 40.89 21.54
N TRP B 281 1.75 41.09 20.40
CA TRP B 281 1.04 41.51 19.19
C TRP B 281 0.06 40.43 18.73
N GLU B 282 0.49 39.17 18.71
CA GLU B 282 -0.43 38.11 18.31
C GLU B 282 -1.51 37.87 19.35
N SER B 283 -1.18 38.02 20.63
CA SER B 283 -2.21 37.91 21.66
C SER B 283 -3.28 38.97 21.48
N LYS B 284 -2.90 40.18 21.07
CA LYS B 284 -3.87 41.23 20.80
C LYS B 284 -4.60 41.01 19.48
N ALA B 285 -3.94 40.43 18.48
CA ALA B 285 -4.52 40.25 17.16
C ALA B 285 -5.37 39.00 17.03
N GLN B 286 -5.37 38.12 18.03
CA GLN B 286 -6.26 36.96 18.00
C GLN B 286 -7.73 37.39 17.90
N VAL B 287 -8.12 38.37 18.73
CA VAL B 287 -9.49 38.84 18.71
C VAL B 287 -9.80 39.55 17.39
N LEU B 288 -8.81 40.25 16.82
CA LEU B 288 -9.01 40.88 15.52
C LEU B 288 -9.27 39.84 14.45
N PHE B 289 -8.50 38.74 14.45
CA PHE B 289 -8.71 37.68 13.47
C PHE B 289 -10.08 37.05 13.65
N PHE B 290 -10.49 36.81 14.90
CA PHE B 290 -11.80 36.23 15.18
C PHE B 290 -12.92 37.13 14.66
N LEU B 291 -12.82 38.43 14.96
CA LEU B 291 -13.86 39.37 14.51
C LEU B 291 -13.91 39.44 13.00
N VAL B 292 -12.74 39.43 12.34
CA VAL B 292 -12.71 39.52 10.89
C VAL B 292 -13.34 38.28 10.25
N ILE B 293 -13.02 37.09 10.78
CA ILE B 293 -13.57 35.87 10.19
C ILE B 293 -15.08 35.78 10.43
N MET B 294 -15.56 36.23 11.59
CA MET B 294 -17.00 36.26 11.82
C MET B 294 -17.70 37.24 10.88
N VAL B 295 -17.09 38.41 10.66
CA VAL B 295 -17.66 39.36 9.70
C VAL B 295 -17.69 38.74 8.31
N SER B 296 -16.66 37.97 7.96
CA SER B 296 -16.63 37.28 6.68
C SER B 296 -17.79 36.29 6.56
N PHE B 297 -18.04 35.52 7.61
CA PHE B 297 -19.15 34.57 7.58
C PHE B 297 -20.48 35.28 7.41
N ALA B 298 -20.69 36.36 8.16
CA ALA B 298 -21.93 37.12 8.06
C ALA B 298 -22.10 37.71 6.66
N ASN B 299 -21.02 38.23 6.09
CA ASN B 299 -21.08 38.79 4.74
C ASN B 299 -21.43 37.70 3.73
N TYR B 300 -20.85 36.51 3.88
CA TYR B 300 -21.17 35.41 2.97
C TYR B 300 -22.65 35.05 3.04
N LEU B 301 -23.18 34.92 4.27
CA LEU B 301 -24.59 34.57 4.41
C LEU B 301 -25.50 35.65 3.84
N VAL B 302 -25.19 36.93 4.10
CA VAL B 302 -26.00 38.01 3.58
C VAL B 302 -25.96 38.02 2.05
N GLY B 303 -24.78 37.81 1.47
CA GLY B 303 -24.67 37.77 0.03
C GLY B 303 -25.46 36.63 -0.58
N THR B 304 -25.48 35.49 0.10
CA THR B 304 -26.32 34.39 -0.38
C THR B 304 -27.80 34.76 -0.33
N LEU B 305 -28.22 35.45 0.74
CA LEU B 305 -29.64 35.80 0.85
C LEU B 305 -30.07 36.86 -0.17
N ILE B 306 -29.16 37.74 -0.57
CA ILE B 306 -29.50 38.79 -1.54
C ILE B 306 -29.83 38.14 -2.88
N PRO B 307 -30.87 38.59 -3.58
CA PRO B 307 -31.14 38.06 -4.91
C PRO B 307 -29.99 38.35 -5.85
N PRO B 308 -29.74 37.46 -6.81
CA PRO B 308 -28.53 37.60 -7.64
C PRO B 308 -28.58 38.86 -8.50
N SER B 309 -27.40 39.41 -8.74
CA SER B 309 -27.22 40.54 -9.63
C SER B 309 -26.84 40.05 -11.02
N GLU B 310 -26.87 40.98 -11.98
CA GLU B 310 -26.60 40.63 -13.37
C GLU B 310 -25.16 40.14 -13.55
N ASP B 311 -24.20 40.84 -12.94
CA ASP B 311 -22.80 40.41 -13.05
C ASP B 311 -22.57 39.08 -12.33
N LYS B 312 -23.18 38.89 -11.16
CA LYS B 312 -23.04 37.63 -10.45
C LYS B 312 -23.76 36.51 -11.18
N ALA B 313 -24.91 36.80 -11.78
CA ALA B 313 -25.62 35.78 -12.56
C ALA B 313 -24.80 35.36 -13.77
N SER B 314 -24.15 36.31 -14.44
CA SER B 314 -23.34 35.97 -15.60
C SER B 314 -22.18 35.06 -15.22
N LYS B 315 -21.74 35.11 -13.97
CA LYS B 315 -20.64 34.28 -13.50
C LYS B 315 -21.11 33.00 -12.82
N GLY B 316 -22.40 32.71 -12.82
CA GLY B 316 -22.91 31.45 -12.34
C GLY B 316 -23.52 31.46 -10.95
N PHE B 317 -24.00 32.60 -10.47
CA PHE B 317 -24.60 32.70 -9.15
C PHE B 317 -26.08 33.01 -9.30
N PHE B 318 -26.92 32.20 -8.65
CA PHE B 318 -28.35 32.41 -8.60
C PHE B 318 -28.82 32.23 -7.17
N SER B 319 -30.03 32.70 -6.89
CA SER B 319 -30.58 32.54 -5.55
C SER B 319 -30.78 31.06 -5.24
N TYR B 320 -31.24 30.79 -4.03
CA TYR B 320 -31.49 29.40 -3.63
C TYR B 320 -32.48 28.76 -4.58
N ARG B 321 -32.15 27.55 -5.04
CA ARG B 321 -32.95 26.87 -6.05
C ARG B 321 -33.02 25.39 -5.71
N ALA B 322 -34.19 24.79 -5.95
CA ALA B 322 -34.35 23.36 -5.69
C ALA B 322 -33.67 22.51 -6.76
N ASP B 323 -33.78 22.92 -8.03
CA ASP B 323 -33.18 22.14 -9.10
C ASP B 323 -31.66 22.18 -9.03
N ILE B 324 -31.09 23.32 -8.63
CA ILE B 324 -29.64 23.39 -8.46
C ILE B 324 -29.18 22.44 -7.36
N PHE B 325 -29.92 22.41 -6.25
CA PHE B 325 -29.61 21.48 -5.16
C PHE B 325 -29.70 20.04 -5.65
N VAL B 326 -30.73 19.71 -6.42
CA VAL B 326 -30.91 18.37 -6.94
C VAL B 326 -29.75 17.98 -7.84
N GLN B 327 -29.35 18.87 -8.74
CA GLN B 327 -28.23 18.58 -9.64
C GLN B 327 -26.93 18.42 -8.88
N ASN B 328 -26.71 19.24 -7.86
CA ASN B 328 -25.47 19.18 -7.10
C ASN B 328 -25.47 18.07 -6.06
N LEU B 329 -26.59 17.36 -5.88
CA LEU B 329 -26.60 16.21 -4.99
C LEU B 329 -25.71 15.07 -5.51
N VAL B 330 -25.51 14.98 -6.83
CA VAL B 330 -24.81 13.84 -7.44
C VAL B 330 -23.39 14.23 -7.77
N PRO B 331 -22.40 13.36 -7.53
CA PRO B 331 -21.01 13.71 -7.84
C PRO B 331 -20.75 13.86 -9.33
N ASP B 332 -19.75 14.69 -9.65
CA ASP B 332 -19.31 14.92 -11.02
C ASP B 332 -17.80 15.07 -11.00
N TRP B 333 -17.08 13.97 -11.20
CA TRP B 333 -15.63 13.96 -11.08
C TRP B 333 -14.97 14.57 -12.30
N ARG B 334 -13.86 15.26 -12.08
CA ARG B 334 -13.06 15.85 -13.16
C ARG B 334 -11.61 15.93 -12.71
N GLY B 335 -10.71 16.00 -13.69
CA GLY B 335 -9.31 16.21 -13.41
C GLY B 335 -8.57 14.97 -12.96
N PRO B 336 -7.26 15.12 -12.71
CA PRO B 336 -6.47 13.96 -12.29
C PRO B 336 -6.69 13.53 -10.85
N ASP B 337 -7.01 14.45 -9.96
CA ASP B 337 -7.25 14.14 -8.56
C ASP B 337 -8.75 14.06 -8.23
N GLY B 338 -9.60 13.95 -9.25
CA GLY B 338 -11.03 13.89 -9.05
C GLY B 338 -11.52 12.53 -8.61
N THR B 339 -11.05 12.07 -7.46
CA THR B 339 -11.51 10.83 -6.85
C THR B 339 -11.94 11.10 -5.42
N PHE B 340 -12.69 10.16 -4.85
CA PHE B 340 -13.19 10.33 -3.49
C PHE B 340 -12.04 10.50 -2.49
N PHE B 341 -11.05 9.61 -2.56
CA PHE B 341 -9.97 9.64 -1.58
C PHE B 341 -8.97 10.75 -1.85
N GLY B 342 -8.76 11.12 -3.12
CA GLY B 342 -7.94 12.29 -3.38
C GLY B 342 -8.51 13.55 -2.77
N MET B 343 -9.83 13.73 -2.90
CA MET B 343 -10.46 14.91 -2.33
C MET B 343 -10.58 14.81 -0.82
N PHE B 344 -10.68 13.59 -0.28
CA PHE B 344 -10.54 13.41 1.16
C PHE B 344 -9.17 13.88 1.63
N SER B 345 -8.12 13.52 0.90
CA SER B 345 -6.77 13.95 1.27
C SER B 345 -6.63 15.46 1.20
N ILE B 346 -7.24 16.08 0.18
CA ILE B 346 -7.20 17.54 0.08
C ILE B 346 -7.95 18.19 1.24
N PHE B 347 -9.11 17.65 1.61
CA PHE B 347 -9.94 18.27 2.64
C PHE B 347 -9.40 18.06 4.05
N PHE B 348 -8.76 16.92 4.32
CA PHE B 348 -8.43 16.56 5.69
C PHE B 348 -7.66 17.61 6.48
N PRO B 349 -6.70 18.35 5.93
CA PRO B 349 -6.04 19.39 6.73
C PRO B 349 -6.98 20.44 7.30
N SER B 350 -8.22 20.54 6.80
CA SER B 350 -9.16 21.51 7.33
C SER B 350 -9.83 21.03 8.62
N ALA B 351 -9.60 19.78 9.03
CA ALA B 351 -10.14 19.24 10.26
C ALA B 351 -9.07 19.07 11.34
N THR B 352 -7.84 19.49 11.05
CA THR B 352 -6.72 19.33 11.96
C THR B 352 -6.53 20.61 12.76
N GLY B 353 -5.54 20.61 13.64
CA GLY B 353 -5.33 21.71 14.55
C GLY B 353 -6.00 21.56 15.89
N ILE B 354 -6.42 20.35 16.26
CA ILE B 354 -7.11 20.14 17.53
C ILE B 354 -6.15 20.08 18.71
N LEU B 355 -4.84 20.00 18.46
CA LEU B 355 -3.87 19.99 19.55
C LEU B 355 -3.59 21.38 20.10
N ALA B 356 -4.01 22.43 19.39
CA ALA B 356 -3.65 23.79 19.78
C ALA B 356 -4.15 24.12 21.18
N GLY B 357 -5.37 23.70 21.52
CA GLY B 357 -5.89 23.96 22.84
C GLY B 357 -5.05 23.35 23.95
N ALA B 358 -4.31 22.28 23.64
CA ALA B 358 -3.44 21.68 24.63
C ALA B 358 -2.09 22.37 24.75
N ASN B 359 -1.69 23.15 23.75
CA ASN B 359 -0.36 23.76 23.75
C ASN B 359 -0.07 24.57 25.02
N ILE B 360 -1.10 25.22 25.56
CA ILE B 360 -0.91 26.05 26.75
C ILE B 360 -1.54 25.37 27.96
N SER B 361 -1.55 24.03 27.97
CA SER B 361 -2.12 23.29 29.07
C SER B 361 -1.52 23.72 30.41
N GLY B 362 -0.22 24.02 30.43
CA GLY B 362 0.43 24.42 31.65
C GLY B 362 0.07 25.81 32.13
N ASP B 363 -0.41 26.68 31.22
CA ASP B 363 -0.74 28.05 31.58
C ASP B 363 -2.21 28.24 31.92
N LEU B 364 -3.02 27.18 31.86
CA LEU B 364 -4.43 27.28 32.19
C LEU B 364 -4.65 27.10 33.69
N LYS B 365 -5.56 27.91 34.24
CA LYS B 365 -5.86 27.81 35.67
C LYS B 365 -6.50 26.47 36.00
N ASP B 366 -7.44 26.01 35.16
CA ASP B 366 -8.13 24.74 35.34
C ASP B 366 -8.11 23.99 34.02
N PRO B 367 -6.95 23.50 33.59
CA PRO B 367 -6.88 22.82 32.29
C PRO B 367 -7.69 21.55 32.23
N ALA B 368 -7.79 20.82 33.34
CA ALA B 368 -8.41 19.50 33.33
C ALA B 368 -9.87 19.54 32.90
N ILE B 369 -10.58 20.63 33.17
CA ILE B 369 -11.97 20.78 32.77
C ILE B 369 -12.11 21.57 31.48
N ALA B 370 -11.20 22.53 31.26
CA ALA B 370 -11.32 23.42 30.10
C ALA B 370 -10.92 22.73 28.80
N ILE B 371 -9.86 21.90 28.83
CA ILE B 371 -9.34 21.33 27.59
C ILE B 371 -10.35 20.44 26.88
N PRO B 372 -10.96 19.41 27.54
CA PRO B 372 -11.85 18.51 26.79
C PRO B 372 -13.09 19.18 26.25
N LYS B 373 -13.79 19.94 27.10
CA LYS B 373 -15.01 20.60 26.67
C LYS B 373 -14.72 21.60 25.56
N GLY B 374 -13.66 22.40 25.71
CA GLY B 374 -13.31 23.36 24.68
C GLY B 374 -12.97 22.70 23.36
N THR B 375 -12.14 21.66 23.40
CA THR B 375 -11.75 20.97 22.18
C THR B 375 -12.97 20.36 21.48
N LEU B 376 -13.84 19.70 22.24
CA LEU B 376 -15.00 19.04 21.64
C LEU B 376 -15.98 20.06 21.09
N MET B 377 -16.21 21.17 21.81
CA MET B 377 -17.11 22.20 21.29
C MET B 377 -16.54 22.84 20.04
N ALA B 378 -15.22 23.06 19.99
CA ALA B 378 -14.60 23.60 18.79
C ALA B 378 -14.77 22.66 17.61
N ILE B 379 -14.56 21.36 17.83
CA ILE B 379 -14.75 20.38 16.76
C ILE B 379 -16.19 20.39 16.28
N PHE B 380 -17.15 20.42 17.21
CA PHE B 380 -18.56 20.42 16.85
C PHE B 380 -18.93 21.64 16.02
N TRP B 381 -18.50 22.83 16.46
CA TRP B 381 -18.90 24.06 15.77
C TRP B 381 -18.21 24.17 14.41
N THR B 382 -16.94 23.77 14.32
CA THR B 382 -16.28 23.77 13.02
C THR B 382 -16.95 22.80 12.06
N THR B 383 -17.36 21.62 12.56
CA THR B 383 -18.06 20.67 11.72
C THR B 383 -19.39 21.22 11.23
N ILE B 384 -20.14 21.88 12.12
CA ILE B 384 -21.41 22.48 11.73
C ILE B 384 -21.19 23.55 10.68
N SER B 385 -20.15 24.38 10.85
CA SER B 385 -19.85 25.41 9.87
C SER B 385 -19.50 24.80 8.52
N TYR B 386 -18.68 23.75 8.51
CA TYR B 386 -18.32 23.10 7.26
C TYR B 386 -19.56 22.55 6.56
N LEU B 387 -20.43 21.88 7.32
CA LEU B 387 -21.63 21.29 6.72
C LEU B 387 -22.54 22.36 6.16
N ALA B 388 -22.76 23.43 6.92
CA ALA B 388 -23.66 24.50 6.47
C ALA B 388 -23.12 25.20 5.24
N ILE B 389 -21.82 25.52 5.23
CA ILE B 389 -21.23 26.18 4.07
C ILE B 389 -21.29 25.28 2.85
N SER B 390 -21.00 23.99 3.03
CA SER B 390 -21.05 23.06 1.90
C SER B 390 -22.46 22.99 1.31
N ALA B 391 -23.47 22.80 2.16
CA ALA B 391 -24.84 22.71 1.66
C ALA B 391 -25.29 24.00 0.99
N THR B 392 -24.99 25.14 1.63
CA THR B 392 -25.43 26.43 1.09
C THR B 392 -24.76 26.73 -0.24
N ILE B 393 -23.46 26.48 -0.36
CA ILE B 393 -22.79 26.76 -1.63
C ILE B 393 -23.21 25.76 -2.70
N GLY B 394 -23.53 24.51 -2.31
CA GLY B 394 -23.97 23.55 -3.30
C GLY B 394 -25.40 23.74 -3.76
N SER B 395 -26.22 24.43 -2.98
CA SER B 395 -27.61 24.66 -3.34
C SER B 395 -27.84 26.04 -3.96
N CYS B 396 -26.78 26.73 -4.35
CA CYS B 396 -26.93 28.14 -4.71
C CYS B 396 -26.30 28.47 -6.06
N VAL B 397 -25.20 27.81 -6.42
CA VAL B 397 -24.47 28.12 -7.65
C VAL B 397 -24.30 26.86 -8.47
N VAL B 398 -24.36 27.01 -9.80
CA VAL B 398 -24.22 25.90 -10.73
C VAL B 398 -22.75 25.59 -10.93
N ARG B 399 -22.44 24.42 -11.51
CA ARG B 399 -21.04 24.03 -11.66
C ARG B 399 -20.34 24.82 -12.75
N ASP B 400 -20.97 24.97 -13.91
CA ASP B 400 -20.33 25.56 -15.08
C ASP B 400 -20.86 26.95 -15.34
N ALA B 401 -19.95 27.89 -15.60
CA ALA B 401 -20.33 29.25 -15.95
C ALA B 401 -19.28 29.83 -16.89
N SER B 402 -19.71 30.81 -17.68
CA SER B 402 -18.84 31.42 -18.68
C SER B 402 -18.24 32.75 -18.20
N GLY B 403 -19.06 33.61 -17.61
CA GLY B 403 -18.62 34.92 -17.17
C GLY B 403 -18.79 36.02 -18.19
N VAL B 404 -19.14 35.69 -19.43
CA VAL B 404 -19.35 36.70 -20.45
C VAL B 404 -20.70 37.37 -20.23
N LEU B 405 -20.68 38.70 -20.15
CA LEU B 405 -21.88 39.46 -19.82
C LEU B 405 -22.91 39.47 -20.96
N ASN B 406 -22.48 39.34 -22.21
CA ASN B 406 -23.38 39.35 -23.35
C ASN B 406 -23.78 37.95 -23.78
N ASP B 407 -23.78 37.00 -22.84
CA ASP B 407 -24.04 35.59 -23.11
C ASP B 407 -25.47 35.20 -22.71
N THR B 408 -26.39 36.15 -22.79
CA THR B 408 -27.78 35.89 -22.43
C THR B 408 -28.48 35.08 -23.54
N VAL B 409 -29.60 34.48 -23.18
CA VAL B 409 -30.36 33.65 -24.11
C VAL B 409 -31.29 34.53 -24.94
N THR B 410 -30.80 35.00 -26.08
CA THR B 410 -31.63 35.80 -26.97
C THR B 410 -32.69 34.90 -27.59
N PRO B 411 -33.95 35.35 -27.60
CA PRO B 411 -35.00 34.47 -28.12
C PRO B 411 -34.80 34.14 -29.59
N GLY B 412 -34.97 32.87 -29.95
CA GLY B 412 -34.81 32.46 -31.33
C GLY B 412 -33.36 32.26 -31.73
N TRP B 413 -32.44 32.39 -30.78
CA TRP B 413 -31.02 32.24 -31.08
C TRP B 413 -30.29 31.45 -30.00
N GLY B 414 -29.24 30.73 -30.38
CA GLY B 414 -28.45 29.99 -29.40
C GLY B 414 -28.99 28.61 -29.06
N ALA B 415 -28.13 27.60 -29.13
CA ALA B 415 -28.54 26.23 -28.79
C ALA B 415 -28.53 26.13 -27.29
N CYS B 416 -29.55 25.53 -26.66
CA CYS B 416 -29.64 25.56 -25.20
C CYS B 416 -29.57 24.27 -24.37
N GLU B 417 -28.71 24.25 -23.34
CA GLU B 417 -28.54 23.08 -22.46
C GLU B 417 -28.22 23.58 -21.05
N GLY B 418 -28.29 22.72 -20.03
CA GLY B 418 -28.05 23.12 -18.66
C GLY B 418 -29.09 23.93 -17.94
N LEU B 419 -28.98 24.02 -16.61
CA LEU B 419 -29.93 24.77 -15.83
C LEU B 419 -29.80 26.31 -15.96
N ALA B 420 -28.95 26.80 -16.81
CA ALA B 420 -28.85 28.25 -16.99
C ALA B 420 -29.87 28.78 -17.99
N CYS B 421 -30.36 27.90 -18.86
CA CYS B 421 -31.34 28.30 -19.87
C CYS B 421 -32.71 28.60 -19.23
N SER B 422 -32.92 28.19 -17.97
CA SER B 422 -34.16 28.51 -17.26
C SER B 422 -34.21 29.97 -16.79
N TYR B 423 -33.08 30.68 -16.82
CA TYR B 423 -33.02 32.06 -16.36
C TYR B 423 -32.54 33.02 -17.43
N GLY B 424 -32.39 32.55 -18.67
CA GLY B 424 -31.95 33.42 -19.75
C GLY B 424 -30.45 33.45 -19.92
N TRP B 425 -29.80 32.31 -19.80
CA TRP B 425 -28.36 32.20 -20.01
C TRP B 425 -28.08 31.00 -20.90
N ASN B 426 -26.98 31.08 -21.64
CA ASN B 426 -26.60 30.06 -22.62
C ASN B 426 -25.15 29.66 -22.32
N PHE B 427 -24.98 28.65 -21.46
CA PHE B 427 -23.67 28.20 -21.02
C PHE B 427 -23.19 26.98 -21.79
N THR B 428 -23.70 26.78 -23.01
CA THR B 428 -23.42 25.56 -23.76
C THR B 428 -22.01 25.54 -24.33
N GLU B 429 -21.55 26.67 -24.87
CA GLU B 429 -20.31 26.67 -25.65
C GLU B 429 -19.11 26.26 -24.81
N CYS B 430 -18.90 26.91 -23.67
CA CYS B 430 -17.74 26.55 -22.85
C CYS B 430 -17.92 25.16 -22.25
N THR B 431 -19.17 24.74 -22.06
CA THR B 431 -19.42 23.38 -21.58
C THR B 431 -18.93 22.35 -22.59
N GLN B 432 -19.20 22.56 -23.88
CA GLN B 432 -18.72 21.64 -24.90
C GLN B 432 -17.19 21.73 -25.04
N GLN B 433 -16.65 22.95 -25.08
CA GLN B 433 -15.21 23.08 -25.26
C GLN B 433 -14.44 22.91 -23.95
N HIS B 434 -15.13 22.75 -22.81
CA HIS B 434 -14.47 22.57 -21.51
C HIS B 434 -13.52 23.72 -21.20
N SER B 435 -13.91 24.93 -21.59
CA SER B 435 -13.12 26.13 -21.38
C SER B 435 -13.88 27.16 -20.56
N CYS B 436 -14.67 26.70 -19.59
CA CYS B 436 -15.40 27.60 -18.71
C CYS B 436 -14.44 28.14 -17.67
N HIS B 437 -14.22 29.47 -17.69
CA HIS B 437 -13.29 30.09 -16.75
C HIS B 437 -13.89 30.34 -15.38
N TYR B 438 -15.20 30.25 -15.24
CA TYR B 438 -15.88 30.54 -13.98
C TYR B 438 -16.77 29.36 -13.59
N GLY B 439 -17.58 29.57 -12.56
CA GLY B 439 -18.46 28.55 -12.03
C GLY B 439 -17.88 27.87 -10.81
N LEU B 440 -18.75 27.11 -10.14
CA LEU B 440 -18.35 26.42 -8.92
C LEU B 440 -17.31 25.33 -9.18
N ILE B 441 -17.27 24.78 -10.39
CA ILE B 441 -16.41 23.65 -10.67
C ILE B 441 -15.00 24.08 -11.06
N ASN B 442 -14.81 25.32 -11.52
CA ASN B 442 -13.52 25.80 -12.00
C ASN B 442 -12.94 26.94 -11.18
N TYR B 443 -13.76 27.89 -10.74
CA TYR B 443 -13.29 29.10 -10.08
C TYR B 443 -13.09 28.81 -8.60
N TYR B 444 -11.86 28.94 -8.12
CA TYR B 444 -11.56 28.69 -6.72
C TYR B 444 -12.03 29.81 -5.81
N GLN B 445 -12.17 31.03 -6.34
CA GLN B 445 -12.55 32.20 -5.54
C GLN B 445 -14.03 32.53 -5.67
N THR B 446 -14.89 31.51 -5.79
CA THR B 446 -16.32 31.75 -5.94
C THR B 446 -16.99 32.16 -4.64
N MET B 447 -16.42 31.81 -3.49
CA MET B 447 -16.97 32.25 -2.22
C MET B 447 -16.89 33.77 -2.08
N SER B 448 -15.90 34.39 -2.73
CA SER B 448 -15.77 35.84 -2.67
C SER B 448 -16.81 36.52 -3.57
N MET B 449 -17.07 35.95 -4.74
CA MET B 449 -18.06 36.55 -5.64
C MET B 449 -19.48 36.34 -5.13
N VAL B 450 -19.73 35.22 -4.45
CA VAL B 450 -21.07 34.96 -3.94
C VAL B 450 -21.49 36.01 -2.92
N SER B 451 -20.58 36.38 -2.02
CA SER B 451 -20.90 37.28 -0.93
C SER B 451 -21.20 38.68 -1.43
N GLY B 452 -21.62 39.54 -0.51
CA GLY B 452 -22.01 40.89 -0.83
C GLY B 452 -20.85 41.83 -1.11
N PHE B 453 -19.88 41.88 -0.19
CA PHE B 453 -18.73 42.76 -0.29
C PHE B 453 -17.47 41.91 -0.21
N ALA B 454 -16.79 41.76 -1.35
CA ALA B 454 -15.64 40.84 -1.43
C ALA B 454 -14.48 41.20 -0.51
N PRO B 455 -14.07 42.46 -0.33
CA PRO B 455 -12.91 42.74 0.53
C PRO B 455 -13.05 42.20 1.94
N LEU B 456 -14.26 42.10 2.47
CA LEU B 456 -14.44 41.47 3.77
C LEU B 456 -14.06 39.99 3.72
N ILE B 457 -14.42 39.31 2.64
CA ILE B 457 -14.03 37.91 2.47
C ILE B 457 -12.51 37.80 2.35
N THR B 458 -11.88 38.74 1.62
CA THR B 458 -10.43 38.73 1.49
C THR B 458 -9.76 38.93 2.84
N ALA B 459 -10.30 39.85 3.65
CA ALA B 459 -9.75 40.07 4.99
C ALA B 459 -9.91 38.82 5.85
N GLY B 460 -11.06 38.14 5.73
CA GLY B 460 -11.24 36.89 6.45
C GLY B 460 -10.24 35.83 6.04
N ILE B 461 -9.97 35.73 4.73
CA ILE B 461 -8.97 34.77 4.24
C ILE B 461 -7.61 35.09 4.82
N PHE B 462 -7.23 36.37 4.81
CA PHE B 462 -5.95 36.78 5.37
C PHE B 462 -5.87 36.41 6.85
N GLY B 463 -6.91 36.73 7.61
CA GLY B 463 -6.90 36.44 9.04
C GLY B 463 -6.77 34.95 9.33
N ALA B 464 -7.58 34.14 8.64
CA ALA B 464 -7.55 32.70 8.87
C ALA B 464 -6.19 32.12 8.52
N THR B 465 -5.67 32.46 7.34
CA THR B 465 -4.38 31.91 6.92
C THR B 465 -3.25 32.34 7.83
N LEU B 466 -3.22 33.63 8.21
CA LEU B 466 -2.15 34.12 9.07
C LEU B 466 -2.21 33.45 10.44
N SER B 467 -3.40 33.35 11.03
CA SER B 467 -3.52 32.72 12.35
C SER B 467 -3.09 31.27 12.29
N SER B 468 -3.55 30.53 11.28
CA SER B 468 -3.19 29.12 11.18
C SER B 468 -1.69 28.94 10.98
N ALA B 469 -1.10 29.73 10.08
CA ALA B 469 0.33 29.61 9.80
C ALA B 469 1.18 29.96 11.01
N LEU B 470 0.83 31.04 11.70
CA LEU B 470 1.61 31.44 12.87
C LEU B 470 1.49 30.41 13.98
N ALA B 471 0.29 29.88 14.22
CA ALA B 471 0.12 28.86 15.24
C ALA B 471 0.92 27.60 14.89
N CYS B 472 0.88 27.19 13.63
CA CYS B 472 1.63 26.00 13.22
C CYS B 472 3.13 26.21 13.37
N LEU B 473 3.63 27.41 13.01
CA LEU B 473 5.06 27.68 13.15
C LEU B 473 5.49 27.67 14.61
N VAL B 474 4.70 28.30 15.48
CA VAL B 474 5.04 28.32 16.89
C VAL B 474 5.03 26.89 17.45
N SER B 475 4.02 26.10 17.10
CA SER B 475 3.95 24.73 17.59
C SER B 475 5.13 23.89 17.10
N ALA B 476 5.49 24.01 15.82
CA ALA B 476 6.60 23.25 15.28
C ALA B 476 7.91 23.62 15.96
N ALA B 477 8.15 24.92 16.13
CA ALA B 477 9.39 25.34 16.79
C ALA B 477 9.45 24.86 18.23
N LYS B 478 8.33 24.98 18.97
CA LYS B 478 8.33 24.53 20.36
C LYS B 478 8.55 23.03 20.46
N VAL B 479 7.92 22.26 19.57
CA VAL B 479 8.10 20.81 19.60
C VAL B 479 9.54 20.43 19.28
N PHE B 480 10.13 21.07 18.27
CA PHE B 480 11.52 20.79 17.93
C PHE B 480 12.44 21.09 19.11
N GLN B 481 12.26 22.26 19.73
CA GLN B 481 13.12 22.63 20.86
C GLN B 481 12.97 21.67 22.03
N CYS B 482 11.72 21.32 22.38
CA CYS B 482 11.52 20.45 23.53
C CYS B 482 12.01 19.03 23.26
N LEU B 483 11.88 18.57 22.01
CA LEU B 483 12.42 17.26 21.65
C LEU B 483 13.95 17.24 21.73
N CYS B 484 14.59 18.31 21.26
CA CYS B 484 16.04 18.39 21.35
C CYS B 484 16.53 18.60 22.78
N GLU B 485 15.67 19.14 23.66
CA GLU B 485 16.07 19.34 25.05
C GLU B 485 16.34 18.02 25.75
N ASP B 486 15.50 17.01 25.49
CA ASP B 486 15.60 15.73 26.20
C ASP B 486 16.73 14.85 25.70
N GLN B 487 17.41 15.25 24.61
CA GLN B 487 18.55 14.51 24.07
C GLN B 487 18.15 13.08 23.69
N LEU B 488 17.10 12.99 22.85
CA LEU B 488 16.67 11.68 22.36
C LEU B 488 17.74 11.04 21.49
N TYR B 489 18.37 11.84 20.62
CA TYR B 489 19.44 11.37 19.77
C TYR B 489 20.62 12.33 19.84
N PRO B 490 21.85 11.81 19.70
CA PRO B 490 23.01 12.71 19.73
C PRO B 490 23.04 13.71 18.60
N LEU B 491 22.50 13.37 17.43
CA LEU B 491 22.59 14.27 16.28
C LEU B 491 21.71 15.50 16.46
N ILE B 492 20.50 15.33 17.02
CA ILE B 492 19.58 16.45 17.14
C ILE B 492 20.05 17.47 18.18
N GLY B 493 21.00 17.09 19.04
CA GLY B 493 21.44 18.01 20.08
C GLY B 493 22.09 19.27 19.55
N PHE B 494 22.77 19.17 18.40
CA PHE B 494 23.46 20.33 17.85
C PHE B 494 22.48 21.42 17.41
N PHE B 495 21.22 21.07 17.22
CA PHE B 495 20.17 22.02 16.86
C PHE B 495 19.33 22.46 18.05
N GLY B 496 19.70 22.04 19.26
CA GLY B 496 18.97 22.38 20.47
C GLY B 496 19.58 23.45 21.33
N LYS B 497 20.61 24.15 20.86
CA LYS B 497 21.28 25.18 21.64
C LYS B 497 20.60 26.51 21.35
N GLY B 498 19.65 26.89 22.20
CA GLY B 498 18.95 28.15 22.02
C GLY B 498 19.82 29.35 22.36
N TYR B 499 19.43 30.49 21.81
CA TYR B 499 20.18 31.73 22.00
C TYR B 499 19.24 32.87 22.37
N GLY B 500 19.77 34.09 22.42
CA GLY B 500 18.98 35.26 22.77
C GLY B 500 18.99 35.53 24.27
N LYS B 501 18.39 36.67 24.62
CA LYS B 501 18.33 37.07 26.02
C LYS B 501 17.50 36.11 26.85
N ASN B 502 16.37 35.65 26.32
CA ASN B 502 15.46 34.75 27.03
C ASN B 502 15.66 33.29 26.61
N LYS B 503 16.81 32.98 26.01
CA LYS B 503 17.12 31.62 25.55
C LYS B 503 16.06 31.10 24.58
N GLU B 504 15.63 31.95 23.66
CA GLU B 504 14.66 31.54 22.65
C GLU B 504 15.30 30.55 21.69
N PRO B 505 14.60 29.50 21.31
CA PRO B 505 15.20 28.50 20.40
C PRO B 505 15.31 28.98 18.97
N VAL B 506 16.33 29.78 18.67
CA VAL B 506 16.48 30.32 17.33
C VAL B 506 16.70 29.21 16.30
N ARG B 507 17.49 28.19 16.68
CA ARG B 507 17.82 27.14 15.73
C ARG B 507 16.59 26.36 15.30
N GLY B 508 15.67 26.08 16.23
CA GLY B 508 14.45 25.38 15.86
C GLY B 508 13.59 26.19 14.91
N TYR B 509 13.48 27.50 15.16
CA TYR B 509 12.74 28.37 14.25
C TYR B 509 13.38 28.37 12.86
N LEU B 510 14.72 28.41 12.81
CA LEU B 510 15.39 28.40 11.51
C LEU B 510 15.18 27.08 10.77
N LEU B 511 15.21 25.96 11.50
CA LEU B 511 14.96 24.66 10.85
C LEU B 511 13.54 24.59 10.31
N ALA B 512 12.56 25.03 11.10
CA ALA B 512 11.18 25.04 10.63
C ALA B 512 11.01 25.96 9.43
N TYR B 513 11.69 27.11 9.46
CA TYR B 513 11.63 28.06 8.35
C TYR B 513 12.23 27.44 7.09
N ALA B 514 13.35 26.73 7.23
CA ALA B 514 13.98 26.08 6.07
C ALA B 514 13.06 25.04 5.47
N ILE B 515 12.45 24.19 6.30
CA ILE B 515 11.53 23.18 5.79
C ILE B 515 10.33 23.85 5.12
N ALA B 516 9.82 24.93 5.74
CA ALA B 516 8.68 25.63 5.18
C ALA B 516 8.99 26.21 3.82
N VAL B 517 10.17 26.80 3.65
CA VAL B 517 10.54 27.36 2.34
C VAL B 517 10.76 26.25 1.32
N ALA B 518 11.39 25.15 1.74
CA ALA B 518 11.63 24.03 0.83
C ALA B 518 10.33 23.48 0.30
N PHE B 519 9.29 23.43 1.14
CA PHE B 519 7.99 22.94 0.68
C PHE B 519 7.17 24.02 -0.03
N ILE B 520 7.40 25.30 0.28
CA ILE B 520 6.74 26.39 -0.44
C ILE B 520 7.20 26.42 -1.89
N ILE B 521 8.46 26.04 -2.13
CA ILE B 521 9.00 26.00 -3.50
C ILE B 521 8.08 25.23 -4.45
N ILE B 522 7.33 24.25 -3.93
CA ILE B 522 6.39 23.50 -4.77
C ILE B 522 5.34 24.43 -5.35
N ALA B 523 4.78 25.32 -4.51
CA ALA B 523 3.80 26.32 -4.93
C ALA B 523 2.58 25.68 -5.60
N GLU B 524 1.98 24.71 -4.89
CA GLU B 524 0.74 24.09 -5.35
C GLU B 524 0.01 23.56 -4.14
N LEU B 525 -1.19 24.10 -3.87
CA LEU B 525 -1.94 23.73 -2.67
C LEU B 525 -2.39 22.27 -2.72
N ASN B 526 -2.88 21.83 -3.89
CA ASN B 526 -3.36 20.47 -4.04
C ASN B 526 -2.25 19.43 -3.97
N THR B 527 -1.00 19.85 -4.09
CA THR B 527 0.13 18.93 -3.94
C THR B 527 0.71 18.94 -2.54
N ILE B 528 0.68 20.09 -1.86
CA ILE B 528 1.15 20.13 -0.48
C ILE B 528 0.15 19.48 0.46
N ALA B 529 -1.15 19.58 0.17
CA ALA B 529 -2.17 19.09 1.10
C ALA B 529 -2.05 17.59 1.41
N PRO B 530 -1.89 16.68 0.44
CA PRO B 530 -1.86 15.26 0.79
C PRO B 530 -0.73 14.86 1.74
N ILE B 531 0.43 15.51 1.66
CA ILE B 531 1.53 15.21 2.56
C ILE B 531 1.14 15.52 4.00
N ILE B 532 0.50 16.67 4.21
CA ILE B 532 0.06 17.06 5.54
C ILE B 532 -1.03 16.12 6.02
N SER B 533 -1.94 15.73 5.11
CA SER B 533 -2.96 14.75 5.45
C SER B 533 -2.31 13.47 5.97
N ASN B 534 -1.32 12.97 5.24
CA ASN B 534 -0.65 11.73 5.65
C ASN B 534 0.04 11.89 7.00
N PHE B 535 0.69 13.03 7.23
CA PHE B 535 1.46 13.16 8.46
C PHE B 535 0.58 13.36 9.70
N PHE B 536 -0.49 14.16 9.61
CA PHE B 536 -1.43 14.16 10.72
C PHE B 536 -2.16 12.84 10.87
N LEU B 537 -2.42 12.12 9.78
CA LEU B 537 -3.02 10.80 9.93
C LEU B 537 -2.09 9.87 10.71
N CYS B 538 -0.79 9.94 10.42
CA CYS B 538 0.18 9.12 11.14
C CYS B 538 0.27 9.51 12.60
N SER B 539 0.29 10.81 12.88
CA SER B 539 0.37 11.26 14.27
C SER B 539 -0.88 10.85 15.05
N TYR B 540 -2.05 10.98 14.44
CA TYR B 540 -3.29 10.60 15.11
C TYR B 540 -3.35 9.09 15.32
N ALA B 541 -2.93 8.31 14.33
CA ALA B 541 -2.89 6.87 14.49
C ALA B 541 -1.95 6.47 15.62
N LEU B 542 -0.78 7.10 15.70
CA LEU B 542 0.17 6.77 16.75
C LEU B 542 -0.37 7.12 18.13
N ILE B 543 -0.98 8.30 18.27
CA ILE B 543 -1.48 8.68 19.60
C ILE B 543 -2.63 7.77 20.02
N ASN B 544 -3.53 7.45 19.08
CA ASN B 544 -4.65 6.56 19.39
C ASN B 544 -4.15 5.17 19.79
N PHE B 545 -3.23 4.60 18.99
CA PHE B 545 -2.75 3.25 19.29
C PHE B 545 -1.93 3.22 20.57
N SER B 546 -1.15 4.26 20.83
CA SER B 546 -0.38 4.31 22.07
C SER B 546 -1.30 4.41 23.28
N CYS B 547 -2.37 5.19 23.17
CA CYS B 547 -3.33 5.26 24.27
C CYS B 547 -4.01 3.91 24.48
N PHE B 548 -4.37 3.24 23.38
CA PHE B 548 -4.96 1.90 23.50
C PHE B 548 -4.00 0.92 24.17
N HIS B 549 -2.72 0.96 23.77
CA HIS B 549 -1.73 0.06 24.34
C HIS B 549 -1.51 0.33 25.82
N ALA B 550 -1.47 1.60 26.20
CA ALA B 550 -1.35 1.94 27.62
C ALA B 550 -2.57 1.47 28.40
N SER B 551 -3.76 1.55 27.79
CA SER B 551 -4.96 1.08 28.46
C SER B 551 -4.94 -0.43 28.67
N ILE B 552 -4.68 -1.18 27.59
CA ILE B 552 -4.78 -2.63 27.66
C ILE B 552 -3.65 -3.22 28.49
N THR B 553 -2.44 -2.65 28.39
CA THR B 553 -1.30 -3.15 29.14
C THR B 553 -1.42 -2.83 30.62
N ASN B 554 -2.24 -1.83 30.98
CA ASN B 554 -2.41 -1.38 32.37
C ASN B 554 -1.09 -0.89 32.95
N SER B 555 -0.58 0.18 32.36
CA SER B 555 0.65 0.79 32.84
C SER B 555 0.43 1.35 34.25
N PRO B 556 1.47 1.37 35.09
CA PRO B 556 1.27 1.79 36.47
C PRO B 556 0.93 3.26 36.62
N GLY B 557 1.60 4.14 35.89
CA GLY B 557 1.40 5.57 36.03
C GLY B 557 0.38 6.20 35.10
N TRP B 558 -0.36 5.40 34.33
CA TRP B 558 -1.32 5.91 33.37
C TRP B 558 -2.73 5.55 33.84
N ARG B 559 -3.50 6.55 34.24
CA ARG B 559 -4.86 6.34 34.75
C ARG B 559 -5.68 7.59 34.46
N PRO B 560 -6.33 7.66 33.31
CA PRO B 560 -7.15 8.82 32.98
C PRO B 560 -8.44 8.85 33.79
N SER B 561 -9.03 10.05 33.88
CA SER B 561 -10.27 10.24 34.59
C SER B 561 -11.42 10.68 33.68
N PHE B 562 -11.16 10.88 32.39
CA PHE B 562 -12.23 11.22 31.46
C PHE B 562 -13.22 10.08 31.34
N GLN B 563 -14.50 10.40 31.43
CA GLN B 563 -15.55 9.40 31.48
C GLN B 563 -16.11 9.02 30.11
N TYR B 564 -15.64 9.65 29.04
CA TYR B 564 -16.08 9.33 27.69
C TYR B 564 -15.02 8.57 26.89
N TYR B 565 -14.00 8.05 27.56
CA TYR B 565 -12.90 7.37 26.88
C TYR B 565 -13.13 5.85 26.90
N ASN B 566 -12.92 5.22 25.76
CA ASN B 566 -13.03 3.76 25.64
C ASN B 566 -11.87 3.23 24.81
N LYS B 567 -11.32 2.09 25.25
CA LYS B 567 -10.16 1.51 24.59
C LYS B 567 -10.48 1.11 23.16
N TRP B 568 -11.64 0.48 22.95
CA TRP B 568 -11.98 -0.05 21.64
C TRP B 568 -12.27 1.06 20.65
N ALA B 569 -12.79 2.19 21.13
CA ALA B 569 -12.94 3.36 20.27
C ALA B 569 -11.60 3.84 19.75
N ALA B 570 -10.59 3.90 20.64
CA ALA B 570 -9.26 4.31 20.22
C ALA B 570 -8.65 3.31 19.25
N LEU B 571 -8.82 2.01 19.51
CA LEU B 571 -8.31 1.00 18.58
C LEU B 571 -8.97 1.13 17.21
N PHE B 572 -10.29 1.33 17.18
CA PHE B 572 -10.98 1.51 15.91
C PHE B 572 -10.48 2.76 15.20
N GLY B 573 -10.27 3.85 15.93
CA GLY B 573 -9.74 5.05 15.32
C GLY B 573 -8.37 4.85 14.70
N ALA B 574 -7.48 4.17 15.43
CA ALA B 574 -6.15 3.90 14.89
C ALA B 574 -6.21 3.03 13.64
N ILE B 575 -7.04 1.97 13.67
CA ILE B 575 -7.13 1.07 12.53
C ILE B 575 -7.70 1.80 11.32
N ILE B 576 -8.77 2.57 11.52
CA ILE B 576 -9.39 3.26 10.39
C ILE B 576 -8.47 4.34 9.85
N SER B 577 -7.70 5.00 10.71
CA SER B 577 -6.76 6.01 10.25
C SER B 577 -5.66 5.38 9.40
N VAL B 578 -5.13 4.23 9.82
CA VAL B 578 -4.10 3.55 9.03
C VAL B 578 -4.66 3.09 7.69
N VAL B 579 -5.89 2.54 7.70
CA VAL B 579 -6.50 2.07 6.47
C VAL B 579 -6.73 3.24 5.51
N ILE B 580 -7.21 4.37 6.03
CA ILE B 580 -7.41 5.55 5.20
C ILE B 580 -6.09 6.05 4.66
N MET B 581 -5.04 6.05 5.48
CA MET B 581 -3.71 6.40 5.01
C MET B 581 -3.30 5.58 3.80
N PHE B 582 -3.40 4.25 3.93
CA PHE B 582 -2.99 3.39 2.82
C PHE B 582 -3.91 3.53 1.62
N LEU B 583 -5.18 3.92 1.84
CA LEU B 583 -6.07 4.18 0.72
C LEU B 583 -5.70 5.47 -0.01
N LEU B 584 -5.13 6.44 0.71
CA LEU B 584 -4.76 7.70 0.09
C LEU B 584 -3.51 7.56 -0.77
N THR B 585 -2.40 7.15 -0.17
CA THR B 585 -1.13 7.00 -0.88
C THR B 585 -0.31 5.93 -0.17
N TRP B 586 -0.06 4.81 -0.86
CA TRP B 586 0.54 3.66 -0.19
C TRP B 586 2.03 3.86 0.06
N TRP B 587 2.75 4.51 -0.86
CA TRP B 587 4.18 4.68 -0.67
C TRP B 587 4.49 5.70 0.42
N ALA B 588 3.70 6.78 0.49
CA ALA B 588 3.86 7.73 1.59
C ALA B 588 3.55 7.06 2.93
N ALA B 589 2.52 6.20 2.95
CA ALA B 589 2.22 5.44 4.16
C ALA B 589 3.39 4.54 4.55
N LEU B 590 4.00 3.87 3.56
CA LEU B 590 5.14 3.03 3.85
C LEU B 590 6.30 3.85 4.41
N ILE B 591 6.55 5.04 3.83
CA ILE B 591 7.63 5.88 4.34
C ILE B 591 7.37 6.31 5.77
N ALA B 592 6.12 6.71 6.07
CA ALA B 592 5.79 7.13 7.43
C ALA B 592 5.93 5.99 8.43
N ILE B 593 5.43 4.80 8.06
CA ILE B 593 5.53 3.66 8.96
C ILE B 593 6.98 3.23 9.15
N GLY B 594 7.77 3.32 8.08
CA GLY B 594 9.19 3.01 8.20
C GLY B 594 9.91 3.99 9.11
N VAL B 595 9.56 5.27 9.03
CA VAL B 595 10.13 6.26 9.94
C VAL B 595 9.75 5.95 11.38
N VAL B 596 8.48 5.59 11.60
CA VAL B 596 8.04 5.25 12.96
C VAL B 596 8.81 4.06 13.49
N LEU B 597 8.92 3.01 12.68
CA LEU B 597 9.62 1.80 13.12
C LEU B 597 11.11 2.07 13.33
N PHE B 598 11.73 2.88 12.47
CA PHE B 598 13.13 3.24 12.65
C PHE B 598 13.33 3.98 13.96
N LEU B 599 12.46 4.94 14.24
CA LEU B 599 12.59 5.71 15.48
C LEU B 599 12.30 4.86 16.69
N LEU B 600 11.18 4.14 16.67
CA LEU B 600 10.82 3.31 17.81
C LEU B 600 11.88 2.26 18.01
N LEU B 601 12.31 1.61 16.94
CA LEU B 601 13.27 0.51 17.10
C LEU B 601 14.63 1.00 17.55
N TYR B 602 15.13 2.09 16.97
CA TYR B 602 16.38 2.60 17.42
C TYR B 602 16.41 2.80 18.88
N VAL B 603 15.46 3.52 19.42
CA VAL B 603 15.40 3.68 20.86
C VAL B 603 15.18 2.38 21.62
N ILE B 604 14.30 1.49 21.17
CA ILE B 604 14.05 0.29 21.95
C ILE B 604 15.33 -0.55 22.03
N TYR B 605 16.12 -0.58 20.96
CA TYR B 605 17.40 -1.30 20.97
C TYR B 605 18.48 -0.63 21.78
N LYS B 606 18.54 0.70 21.72
CA LYS B 606 19.63 1.40 22.40
C LYS B 606 19.30 1.94 23.80
#